data_3DYH
#
_entry.id   3DYH
#
_cell.length_a   133.915
_cell.length_b   118.733
_cell.length_c   63.036
_cell.angle_alpha   90.00
_cell.angle_beta   112.29
_cell.angle_gamma   90.00
#
_symmetry.space_group_name_H-M   'C 1 2 1'
#
loop_
_entity.id
_entity.type
_entity.pdbx_description
1 polymer 'Farnesyl pyrophosphate synthase'
2 non-polymer 'MAGNESIUM ION'
3 non-polymer 3-butoxy-1-(2,2-diphosphonoethyl)pyridinium
4 water water
#
_entity_poly.entity_id   1
_entity_poly.type   'polypeptide(L)'
_entity_poly.pdbx_seq_one_letter_code
;MGSSHHHHHHSSGLVPRGSHMASMPMQMFMQVYDEIQMFLLEELELKFDMDPNRVRYLRKMMDTTCLGGKYNRGLTVIDV
AESLLSLSPNNNGEEDDGARRKRVLHDACVCGWMIEFLQAHYLVEDDIMDNSVTRRGKPCWYRHPDVTVQCAINDGLLLK
SWTHMMAMHFFADRPFLQDLLCRFNRVDYTTAVGQLYDVTSMFDSNKLDPDVSQPTTTDFAEFTLSNYKRIVKYKTAYYT
YLLPLVMGLIVSEALPTVDMGVTEELAMLMGEYFQVQDDVMDCFTPPERLGKVGTDIQDAKCSWLAVTFLAKASSAQVAE
FKANYGSGDSEKVATVRRLYEEADLQGDYVAYEAAVAEQVKELIEKLRLCSPGFAASVETLWGKTYKRQK
;
_entity_poly.pdbx_strand_id   A,B
#
loop_
_chem_comp.id
_chem_comp.type
_chem_comp.name
_chem_comp.formula
721 non-polymer 3-butoxy-1-(2,2-diphosphonoethyl)pyridinium 'C11 H20 N O7 P2 1'
MG non-polymer 'MAGNESIUM ION' 'Mg 2'
#
# COMPACT_ATOMS: atom_id res chain seq x y z
N MET A 24 -17.14 19.99 -20.79
CA MET A 24 -16.46 19.06 -21.74
C MET A 24 -15.39 18.18 -21.07
N PRO A 25 -14.43 18.78 -20.34
CA PRO A 25 -13.40 17.88 -19.83
C PRO A 25 -13.99 16.82 -18.88
N MET A 26 -15.01 17.22 -18.12
CA MET A 26 -15.70 16.33 -17.18
C MET A 26 -16.41 15.15 -17.86
N GLN A 27 -17.03 15.41 -19.01
CA GLN A 27 -17.77 14.37 -19.72
C GLN A 27 -16.85 13.25 -20.22
N MET A 28 -15.74 13.63 -20.85
CA MET A 28 -14.78 12.64 -21.37
C MET A 28 -14.01 11.92 -20.24
N PHE A 29 -13.68 12.66 -19.18
CA PHE A 29 -13.06 12.08 -17.97
C PHE A 29 -13.92 10.95 -17.41
N MET A 30 -15.24 11.11 -17.45
CA MET A 30 -16.12 10.06 -16.94
C MET A 30 -16.29 8.89 -17.92
N GLN A 31 -16.04 9.17 -19.20
CA GLN A 31 -16.01 8.14 -20.24
C GLN A 31 -14.79 7.25 -20.08
N VAL A 32 -13.66 7.83 -19.68
CA VAL A 32 -12.43 7.06 -19.49
C VAL A 32 -12.53 6.27 -18.18
N TYR A 33 -13.24 6.81 -17.19
CA TYR A 33 -13.53 6.05 -15.96
C TYR A 33 -14.18 4.71 -16.24
N ASP A 34 -15.30 4.71 -16.99
CA ASP A 34 -16.00 3.46 -17.36
C ASP A 34 -15.11 2.49 -18.13
N GLU A 35 -14.28 3.04 -19.02
CA GLU A 35 -13.29 2.26 -19.76
C GLU A 35 -12.27 1.59 -18.84
N ILE A 36 -11.73 2.37 -17.90
CA ILE A 36 -10.81 1.83 -16.92
C ILE A 36 -11.49 0.79 -16.04
N GLN A 37 -12.70 1.11 -15.56
CA GLN A 37 -13.44 0.18 -14.70
C GLN A 37 -13.69 -1.13 -15.43
N MET A 38 -14.20 -1.06 -16.66
CA MET A 38 -14.43 -2.26 -17.48
C MET A 38 -13.14 -3.03 -17.69
N PHE A 39 -12.03 -2.34 -18.00
CA PHE A 39 -10.81 -3.09 -18.15
C PHE A 39 -10.46 -3.85 -16.86
N LEU A 40 -10.52 -3.17 -15.71
CA LEU A 40 -10.07 -3.78 -14.44
C LEU A 40 -10.97 -4.93 -13.97
N LEU A 41 -12.28 -4.72 -14.01
CA LEU A 41 -13.18 -5.72 -13.45
C LEU A 41 -13.27 -6.96 -14.33
N GLU A 42 -13.24 -6.72 -15.65
CA GLU A 42 -13.23 -7.80 -16.64
C GLU A 42 -11.95 -8.62 -16.55
N GLU A 43 -10.82 -7.96 -16.32
CA GLU A 43 -9.56 -8.65 -16.12
C GLU A 43 -9.60 -9.57 -14.89
N LEU A 44 -10.19 -9.07 -13.80
CA LEU A 44 -10.39 -9.85 -12.59
C LEU A 44 -11.20 -11.14 -12.79
N GLU A 45 -12.28 -11.05 -13.55
CA GLU A 45 -13.11 -12.24 -13.87
C GLU A 45 -12.36 -13.20 -14.79
N LEU A 46 -11.70 -12.67 -15.81
CA LEU A 46 -11.03 -13.50 -16.83
C LEU A 46 -9.68 -14.10 -16.45
N LYS A 47 -8.89 -13.39 -15.65
CA LYS A 47 -7.49 -13.78 -15.38
C LYS A 47 -7.16 -14.05 -13.92
N PHE A 48 -8.09 -13.71 -13.03
CA PHE A 48 -7.90 -13.85 -11.59
C PHE A 48 -8.99 -14.68 -10.95
N ASP A 49 -9.67 -15.48 -11.78
CA ASP A 49 -10.71 -16.42 -11.33
C ASP A 49 -11.76 -15.79 -10.41
N MET A 50 -12.06 -14.51 -10.59
CA MET A 50 -12.99 -13.87 -9.69
C MET A 50 -14.44 -14.19 -10.03
N ASP A 51 -15.24 -14.33 -8.98
CA ASP A 51 -16.65 -14.63 -9.06
C ASP A 51 -17.41 -13.33 -9.20
N PRO A 52 -18.65 -13.38 -9.74
CA PRO A 52 -19.53 -12.21 -9.88
C PRO A 52 -19.76 -11.43 -8.58
N ASN A 53 -19.87 -12.14 -7.45
CA ASN A 53 -20.16 -11.49 -6.18
C ASN A 53 -19.05 -10.52 -5.76
N ARG A 54 -17.80 -10.98 -5.80
CA ARG A 54 -16.65 -10.13 -5.48
C ARG A 54 -16.42 -9.03 -6.54
N VAL A 55 -16.70 -9.32 -7.82
CA VAL A 55 -16.59 -8.29 -8.84
C VAL A 55 -17.52 -7.16 -8.45
N ARG A 56 -18.76 -7.50 -8.09
CA ARG A 56 -19.78 -6.54 -7.68
C ARG A 56 -19.33 -5.71 -6.47
N TYR A 57 -18.71 -6.36 -5.48
CA TYR A 57 -18.19 -5.70 -4.29
C TYR A 57 -17.12 -4.73 -4.72
N LEU A 58 -16.18 -5.20 -5.54
CA LEU A 58 -15.13 -4.32 -6.08
C LEU A 58 -15.60 -3.14 -6.92
N ARG A 59 -16.68 -3.33 -7.70
CA ARG A 59 -17.25 -2.23 -8.50
C ARG A 59 -17.78 -1.13 -7.61
N LYS A 60 -18.52 -1.54 -6.59
CA LYS A 60 -19.05 -0.65 -5.58
C LYS A 60 -17.93 0.03 -4.81
N MET A 61 -16.94 -0.74 -4.34
CA MET A 61 -15.80 -0.14 -3.65
C MET A 61 -15.16 0.96 -4.49
N MET A 62 -14.80 0.62 -5.74
CA MET A 62 -14.17 1.56 -6.68
C MET A 62 -15.01 2.83 -6.91
N ASP A 63 -16.32 2.65 -7.12
CA ASP A 63 -17.25 3.81 -7.25
C ASP A 63 -17.26 4.66 -5.98
N THR A 64 -17.47 4.02 -4.83
CA THR A 64 -17.61 4.74 -3.56
C THR A 64 -16.35 5.54 -3.21
N THR A 65 -15.19 4.91 -3.38
CA THR A 65 -13.90 5.52 -3.02
C THR A 65 -13.33 6.51 -4.05
N CYS A 66 -13.58 6.29 -5.35
CA CYS A 66 -12.99 7.15 -6.40
C CYS A 66 -13.87 8.29 -6.93
N LEU A 67 -15.18 8.19 -6.69
CA LEU A 67 -16.11 9.18 -7.27
C LEU A 67 -16.80 10.02 -6.21
N GLY A 68 -17.27 11.20 -6.61
CA GLY A 68 -18.04 12.04 -5.71
C GLY A 68 -17.25 13.23 -5.23
N GLY A 69 -15.97 13.28 -5.58
CA GLY A 69 -15.18 14.47 -5.29
C GLY A 69 -15.28 15.47 -6.41
N LYS A 70 -14.47 16.52 -6.30
CA LYS A 70 -14.33 17.58 -7.28
C LYS A 70 -13.48 17.19 -8.48
N TYR A 71 -12.62 16.17 -8.32
CA TYR A 71 -11.65 15.77 -9.33
C TYR A 71 -10.67 16.84 -9.79
N ASN A 72 -10.32 17.79 -8.93
CA ASN A 72 -9.31 18.80 -9.30
C ASN A 72 -7.96 18.22 -9.73
N ARG A 73 -7.49 17.16 -9.06
CA ARG A 73 -6.23 16.51 -9.43
C ARG A 73 -6.29 15.94 -10.85
N GLY A 74 -7.30 15.12 -11.10
CA GLY A 74 -7.55 14.52 -12.40
C GLY A 74 -7.78 15.51 -13.51
N LEU A 75 -8.69 16.47 -13.29
CA LEU A 75 -9.01 17.46 -14.31
C LEU A 75 -7.84 18.37 -14.70
N THR A 76 -6.94 18.63 -13.75
CA THR A 76 -5.73 19.41 -13.95
C THR A 76 -4.87 18.79 -15.04
N VAL A 77 -4.61 17.48 -14.95
CA VAL A 77 -3.85 16.76 -16.01
C VAL A 77 -4.41 17.03 -17.41
N ILE A 78 -5.71 16.82 -17.61
CA ILE A 78 -6.35 17.13 -18.89
C ILE A 78 -6.10 18.57 -19.31
N ASP A 79 -6.29 19.51 -18.40
CA ASP A 79 -6.14 20.92 -18.73
C ASP A 79 -4.70 21.29 -19.10
N VAL A 80 -3.72 20.76 -18.36
CA VAL A 80 -2.31 20.97 -18.69
C VAL A 80 -2.04 20.38 -20.06
N ALA A 81 -2.50 19.15 -20.29
CA ALA A 81 -2.31 18.49 -21.58
C ALA A 81 -2.83 19.36 -22.70
N GLU A 82 -4.09 19.79 -22.60
CA GLU A 82 -4.69 20.63 -23.63
C GLU A 82 -3.98 21.97 -23.83
N SER A 83 -3.48 22.54 -22.74
CA SER A 83 -2.78 23.82 -22.82
C SER A 83 -1.44 23.73 -23.59
N LEU A 84 -0.92 22.52 -23.75
CA LEU A 84 0.43 22.34 -24.29
C LEU A 84 0.56 21.69 -25.67
N LEU A 85 -0.56 21.40 -26.35
CA LEU A 85 -0.48 20.63 -27.61
C LEU A 85 0.14 21.33 -28.83
N SER A 86 0.61 22.56 -28.65
CA SER A 86 1.39 23.28 -29.66
C SER A 86 2.87 23.38 -29.27
N LEU A 87 3.14 24.06 -28.15
CA LEU A 87 4.49 24.26 -27.63
C LEU A 87 5.02 22.98 -26.97
N ASP A 97 -1.82 15.97 -35.83
CA ASP A 97 -2.92 15.89 -36.78
C ASP A 97 -4.27 16.23 -36.13
N GLY A 98 -4.68 15.38 -35.20
CA GLY A 98 -6.01 15.45 -34.58
C GLY A 98 -6.27 14.10 -33.92
N ALA A 99 -5.56 13.09 -34.42
CA ALA A 99 -5.46 11.80 -33.74
C ALA A 99 -4.49 11.93 -32.57
N ARG A 100 -3.55 12.86 -32.68
CA ARG A 100 -2.59 13.16 -31.62
C ARG A 100 -3.30 13.84 -30.46
N ARG A 101 -4.22 14.74 -30.78
CA ARG A 101 -5.00 15.43 -29.77
C ARG A 101 -5.90 14.41 -29.03
N LYS A 102 -6.51 13.51 -29.79
CA LYS A 102 -7.35 12.47 -29.24
C LYS A 102 -6.54 11.54 -28.32
N ARG A 103 -5.31 11.22 -28.74
CA ARG A 103 -4.47 10.32 -27.97
C ARG A 103 -3.89 11.00 -26.72
N VAL A 104 -3.38 12.21 -26.87
CA VAL A 104 -2.80 12.96 -25.75
C VAL A 104 -3.87 13.22 -24.67
N LEU A 105 -5.08 13.55 -25.10
CA LEU A 105 -6.15 13.84 -24.16
C LEU A 105 -6.68 12.58 -23.48
N HIS A 106 -6.69 11.47 -24.21
CA HIS A 106 -7.05 10.19 -23.59
C HIS A 106 -6.00 9.77 -22.56
N ASP A 107 -4.73 9.89 -22.93
CA ASP A 107 -3.60 9.63 -22.04
C ASP A 107 -3.68 10.52 -20.81
N ALA A 108 -4.13 11.76 -21.00
CA ALA A 108 -4.25 12.70 -19.90
C ALA A 108 -5.38 12.28 -18.95
N CYS A 109 -6.47 11.76 -19.50
CA CYS A 109 -7.57 11.24 -18.67
C CYS A 109 -7.12 10.06 -17.82
N VAL A 110 -6.35 9.13 -18.41
CA VAL A 110 -5.85 7.94 -17.67
C VAL A 110 -4.93 8.35 -16.52
N CYS A 111 -4.03 9.28 -16.80
CA CYS A 111 -3.16 9.87 -15.78
C CYS A 111 -3.95 10.53 -14.67
N GLY A 112 -4.99 11.24 -15.07
CA GLY A 112 -5.92 11.85 -14.12
C GLY A 112 -6.52 10.84 -13.17
N TRP A 113 -7.01 9.72 -13.72
CA TRP A 113 -7.58 8.65 -12.92
C TRP A 113 -6.52 7.93 -12.06
N MET A 114 -5.28 7.91 -12.55
CA MET A 114 -4.19 7.36 -11.74
C MET A 114 -4.05 8.16 -10.44
N ILE A 115 -3.96 9.49 -10.53
CA ILE A 115 -3.90 10.35 -9.34
C ILE A 115 -5.21 10.29 -8.52
N GLU A 116 -6.36 10.26 -9.19
CA GLU A 116 -7.63 10.07 -8.46
C GLU A 116 -7.72 8.74 -7.69
N PHE A 117 -7.28 7.63 -8.32
CA PHE A 117 -7.22 6.32 -7.62
C PHE A 117 -6.16 6.33 -6.51
N LEU A 118 -5.04 7.01 -6.74
CA LEU A 118 -4.00 7.16 -5.70
C LEU A 118 -4.61 7.91 -4.52
N GLN A 119 -5.27 9.02 -4.82
CA GLN A 119 -6.00 9.74 -3.78
C GLN A 119 -7.00 8.86 -3.02
N ALA A 120 -7.82 8.10 -3.76
CA ALA A 120 -8.83 7.19 -3.15
C ALA A 120 -8.19 6.25 -2.15
N HIS A 121 -7.09 5.68 -2.61
CA HIS A 121 -6.20 4.83 -1.79
C HIS A 121 -5.81 5.58 -0.50
N TYR A 122 -5.29 6.80 -0.65
CA TYR A 122 -4.86 7.58 0.53
C TYR A 122 -6.01 7.82 1.50
N LEU A 123 -7.17 8.21 0.97
CA LEU A 123 -8.31 8.59 1.82
C LEU A 123 -8.90 7.37 2.51
N VAL A 124 -8.87 6.21 1.84
CA VAL A 124 -9.30 5.00 2.51
C VAL A 124 -8.43 4.73 3.75
N GLU A 125 -7.10 4.73 3.58
CA GLU A 125 -6.22 4.46 4.71
C GLU A 125 -6.22 5.65 5.71
N ASP A 126 -6.28 6.88 5.17
CA ASP A 126 -6.25 8.07 6.05
C ASP A 126 -7.47 8.07 6.96
N ASP A 127 -8.66 7.83 6.42
CA ASP A 127 -9.87 7.72 7.27
C ASP A 127 -9.69 6.75 8.42
N ILE A 128 -9.06 5.60 8.17
CA ILE A 128 -8.79 4.63 9.25
C ILE A 128 -7.80 5.21 10.29
N MET A 129 -6.64 5.64 9.81
CA MET A 129 -5.62 6.28 10.65
C MET A 129 -6.14 7.45 11.47
N ASP A 130 -7.13 8.18 10.94
CA ASP A 130 -7.63 9.40 11.57
C ASP A 130 -8.89 9.21 12.41
N ASN A 131 -9.46 8.00 12.34
CA ASN A 131 -10.67 7.64 13.09
C ASN A 131 -11.85 8.51 12.64
N SER A 132 -11.96 8.70 11.32
CA SER A 132 -13.01 9.54 10.75
C SER A 132 -14.30 8.75 10.54
N VAL A 133 -15.42 9.48 10.44
CA VAL A 133 -16.78 8.90 10.46
C VAL A 133 -17.43 9.01 9.09
N THR A 134 -17.39 10.21 8.51
CA THR A 134 -17.88 10.44 7.17
C THR A 134 -16.83 11.03 6.24
N ARG A 135 -17.12 10.91 4.95
CA ARG A 135 -16.29 11.44 3.91
C ARG A 135 -17.24 11.65 2.74
N ARG A 136 -17.24 12.85 2.16
CA ARG A 136 -18.15 13.16 1.03
C ARG A 136 -19.59 12.76 1.38
N GLY A 137 -20.09 13.25 2.51
CA GLY A 137 -21.49 13.00 2.94
C GLY A 137 -21.94 11.57 3.20
N LYS A 138 -21.00 10.63 3.09
CA LYS A 138 -21.30 9.21 3.31
C LYS A 138 -20.35 8.65 4.38
N PRO A 139 -20.64 7.47 4.96
CA PRO A 139 -19.66 6.92 5.89
C PRO A 139 -18.32 6.67 5.18
N CYS A 140 -17.20 6.87 5.88
CA CYS A 140 -15.90 6.45 5.37
C CYS A 140 -16.01 4.98 4.98
N TRP A 141 -15.14 4.56 4.06
CA TRP A 141 -15.21 3.21 3.53
C TRP A 141 -15.23 2.17 4.65
N TYR A 142 -14.28 2.28 5.57
CA TYR A 142 -14.15 1.33 6.68
C TYR A 142 -15.30 1.38 7.71
N ARG A 143 -16.15 2.41 7.63
CA ARG A 143 -17.35 2.51 8.49
C ARG A 143 -18.61 1.95 7.84
N HIS A 144 -18.54 1.62 6.54
CA HIS A 144 -19.66 0.96 5.89
C HIS A 144 -20.02 -0.32 6.63
N PRO A 145 -21.33 -0.50 6.93
CA PRO A 145 -21.77 -1.68 7.69
C PRO A 145 -21.22 -3.00 7.18
N ASP A 146 -21.12 -3.18 5.86
CA ASP A 146 -20.59 -4.45 5.36
C ASP A 146 -19.12 -4.47 4.97
N VAL A 147 -18.37 -3.47 5.45
CA VAL A 147 -16.94 -3.43 5.22
C VAL A 147 -16.24 -3.58 6.55
N THR A 148 -15.51 -4.67 6.70
CA THR A 148 -14.69 -4.87 7.88
C THR A 148 -13.50 -3.94 7.80
N VAL A 149 -12.94 -3.56 8.95
CA VAL A 149 -11.78 -2.68 8.96
C VAL A 149 -10.64 -3.40 8.23
N GLN A 150 -10.58 -4.72 8.39
CA GLN A 150 -9.51 -5.49 7.77
C GLN A 150 -9.63 -5.47 6.28
N CYS A 151 -10.86 -5.63 5.77
CA CYS A 151 -11.07 -5.61 4.33
C CYS A 151 -10.81 -4.19 3.77
N ALA A 152 -11.24 -3.17 4.52
CA ALA A 152 -10.96 -1.77 4.13
C ALA A 152 -9.48 -1.48 3.93
N ILE A 153 -8.60 -2.02 4.79
CA ILE A 153 -7.16 -1.76 4.64
C ILE A 153 -6.73 -2.37 3.28
N ASN A 154 -7.24 -3.58 3.03
CA ASN A 154 -6.86 -4.28 1.84
C ASN A 154 -7.44 -3.65 0.57
N ASP A 155 -8.69 -3.16 0.66
CA ASP A 155 -9.33 -2.45 -0.45
C ASP A 155 -8.47 -1.25 -0.78
N GLY A 156 -7.96 -0.58 0.26
CA GLY A 156 -7.05 0.54 0.04
C GLY A 156 -5.87 0.16 -0.84
N LEU A 157 -5.31 -1.02 -0.58
CA LEU A 157 -4.14 -1.56 -1.29
C LEU A 157 -4.48 -1.87 -2.75
N LEU A 158 -5.66 -2.45 -2.96
CA LEU A 158 -6.18 -2.72 -4.30
C LEU A 158 -6.27 -1.43 -5.11
N LEU A 159 -6.79 -0.39 -4.47
CA LEU A 159 -6.79 0.97 -5.02
C LEU A 159 -5.42 1.45 -5.54
N LYS A 160 -4.37 1.32 -4.71
CA LYS A 160 -3.00 1.65 -5.11
C LYS A 160 -2.54 0.76 -6.29
N SER A 161 -2.78 -0.56 -6.19
CA SER A 161 -2.37 -1.48 -7.24
C SER A 161 -3.06 -1.18 -8.59
N TRP A 162 -4.30 -0.71 -8.54
CA TRP A 162 -5.04 -0.37 -9.75
C TRP A 162 -4.39 0.80 -10.54
N THR A 163 -3.74 1.71 -9.82
CA THR A 163 -2.98 2.80 -10.48
C THR A 163 -1.93 2.22 -11.43
N HIS A 164 -1.17 1.25 -10.92
CA HIS A 164 -0.17 0.59 -11.73
C HIS A 164 -0.77 -0.25 -12.84
N MET A 165 -1.82 -1.03 -12.55
CA MET A 165 -2.50 -1.89 -13.57
C MET A 165 -3.04 -1.09 -14.75
N MET A 166 -3.71 0.03 -14.46
CA MET A 166 -4.24 0.88 -15.52
C MET A 166 -3.16 1.53 -16.38
N ALA A 167 -2.05 1.96 -15.77
CA ALA A 167 -0.95 2.57 -16.51
C ALA A 167 -0.33 1.54 -17.45
N MET A 168 -0.08 0.36 -16.92
CA MET A 168 0.56 -0.72 -17.68
C MET A 168 -0.29 -1.15 -18.87
N HIS A 169 -1.60 -1.14 -18.68
CA HIS A 169 -2.51 -1.45 -19.76
C HIS A 169 -2.61 -0.38 -20.86
N PHE A 170 -2.88 0.87 -20.48
CA PHE A 170 -3.07 1.92 -21.46
C PHE A 170 -1.79 2.49 -22.04
N PHE A 171 -0.70 2.43 -21.29
CA PHE A 171 0.55 3.07 -21.69
C PHE A 171 1.67 2.08 -22.08
N ALA A 172 1.28 0.81 -22.22
CA ALA A 172 2.20 -0.28 -22.52
C ALA A 172 3.20 0.07 -23.63
N ASP A 173 2.68 0.66 -24.70
CA ASP A 173 3.44 0.99 -25.92
C ASP A 173 3.95 2.41 -25.93
N ARG A 174 3.80 3.12 -24.81
CA ARG A 174 4.13 4.53 -24.77
C ARG A 174 5.55 4.69 -24.24
N PRO A 175 6.41 5.39 -24.99
CA PRO A 175 7.80 5.64 -24.58
C PRO A 175 7.95 6.30 -23.20
N PHE A 176 6.93 7.02 -22.74
CA PHE A 176 7.02 7.73 -21.45
C PHE A 176 6.69 6.89 -20.21
N LEU A 177 6.26 5.63 -20.40
CA LEU A 177 5.79 4.80 -19.27
C LEU A 177 6.77 4.72 -18.09
N GLN A 178 8.01 4.33 -18.36
CA GLN A 178 9.03 4.22 -17.30
C GLN A 178 9.23 5.52 -16.49
N ASP A 179 9.38 6.64 -17.19
CA ASP A 179 9.53 7.96 -16.56
C ASP A 179 8.27 8.35 -15.75
N LEU A 180 7.11 8.04 -16.30
CA LEU A 180 5.82 8.35 -15.71
C LEU A 180 5.69 7.61 -14.37
N LEU A 181 5.96 6.31 -14.42
CA LEU A 181 5.85 5.43 -13.27
C LEU A 181 6.91 5.73 -12.21
N CYS A 182 8.07 6.21 -12.66
CA CYS A 182 9.14 6.60 -11.73
C CYS A 182 8.75 7.82 -10.89
N ARG A 183 8.26 8.87 -11.55
CA ARG A 183 7.86 10.09 -10.85
C ARG A 183 6.61 9.83 -10.00
N PHE A 184 5.73 9.00 -10.53
CA PHE A 184 4.48 8.68 -9.85
C PHE A 184 4.84 8.03 -8.49
N ASN A 185 5.68 6.98 -8.55
CA ASN A 185 6.13 6.26 -7.36
C ASN A 185 6.91 7.09 -6.36
N ARG A 186 7.78 7.96 -6.87
CA ARG A 186 8.48 8.91 -5.99
C ARG A 186 7.48 9.82 -5.24
N VAL A 187 6.51 10.40 -5.96
CA VAL A 187 5.49 11.25 -5.29
C VAL A 187 4.69 10.40 -4.28
N ASP A 188 4.36 9.16 -4.67
CA ASP A 188 3.71 8.23 -3.76
C ASP A 188 4.45 8.00 -2.44
N TYR A 189 5.75 7.68 -2.55
CA TYR A 189 6.65 7.61 -1.38
C TYR A 189 6.73 8.90 -0.57
N THR A 190 6.78 10.04 -1.26
CA THR A 190 6.86 11.35 -0.60
C THR A 190 5.62 11.51 0.28
N THR A 191 4.49 11.04 -0.22
CA THR A 191 3.22 11.27 0.46
C THR A 191 3.13 10.44 1.75
N ALA A 192 3.61 9.20 1.69
CA ALA A 192 3.59 8.29 2.82
C ALA A 192 4.58 8.82 3.86
N VAL A 193 5.67 9.47 3.39
CA VAL A 193 6.61 10.07 4.31
C VAL A 193 5.92 11.23 5.04
N GLY A 194 5.13 12.01 4.32
CA GLY A 194 4.37 13.12 4.96
C GLY A 194 3.33 12.63 5.95
N GLN A 195 2.68 11.52 5.59
CA GLN A 195 1.72 10.87 6.51
C GLN A 195 2.37 10.47 7.81
N LEU A 196 3.60 9.93 7.77
CA LEU A 196 4.37 9.65 8.99
C LEU A 196 4.56 10.92 9.83
N TYR A 197 5.01 11.99 9.18
CA TYR A 197 5.14 13.31 9.82
C TYR A 197 3.82 13.76 10.45
N ASP A 198 2.68 13.48 9.79
CA ASP A 198 1.36 13.86 10.31
C ASP A 198 0.94 13.02 11.52
N VAL A 199 1.06 11.71 11.35
CA VAL A 199 0.59 10.79 12.36
C VAL A 199 1.50 10.75 13.60
N THR A 200 2.75 11.20 13.48
CA THR A 200 3.66 11.23 14.64
C THR A 200 3.87 12.64 15.19
N SER A 201 3.04 13.58 14.75
CA SER A 201 3.26 15.00 15.04
C SER A 201 2.80 15.40 16.44
N MET A 202 2.01 14.55 17.08
CA MET A 202 1.48 14.84 18.42
C MET A 202 2.20 14.04 19.51
N PHE A 203 3.29 13.41 19.11
CA PHE A 203 4.15 12.64 20.00
C PHE A 203 5.54 13.27 20.01
N ASP A 204 6.08 13.50 21.21
CA ASP A 204 7.45 13.99 21.39
C ASP A 204 8.44 13.07 20.67
N SER A 205 9.06 13.59 19.61
CA SER A 205 9.90 12.79 18.71
C SER A 205 11.19 12.29 19.35
N ASN A 206 11.59 12.91 20.45
CA ASN A 206 12.75 12.48 21.23
C ASN A 206 12.51 11.12 21.88
N LYS A 207 11.24 10.85 22.19
CA LYS A 207 10.82 9.60 22.84
C LYS A 207 10.14 8.61 21.88
N LEU A 208 10.19 8.90 20.58
CA LEU A 208 9.78 7.95 19.54
C LEU A 208 10.62 6.68 19.71
N ASP A 209 9.98 5.61 20.18
CA ASP A 209 10.63 4.31 20.43
C ASP A 209 9.60 3.18 20.36
N PRO A 210 9.65 2.35 19.30
CA PRO A 210 8.73 1.22 19.07
C PRO A 210 8.51 0.32 20.29
N ASP A 211 9.53 0.23 21.14
CA ASP A 211 9.48 -0.67 22.29
C ASP A 211 8.87 -0.04 23.55
N VAL A 212 8.54 1.24 23.48
CA VAL A 212 8.05 1.97 24.67
C VAL A 212 6.87 2.86 24.34
N SER A 213 5.73 2.59 24.97
CA SER A 213 4.52 3.39 24.81
C SER A 213 4.69 4.82 25.33
N GLN A 214 4.08 5.78 24.64
CA GLN A 214 4.10 7.19 25.04
C GLN A 214 2.73 7.84 24.85
N PRO A 215 2.30 8.68 25.82
CA PRO A 215 1.07 9.40 25.57
C PRO A 215 1.31 10.54 24.58
N THR A 216 0.22 11.15 24.12
CA THR A 216 0.29 12.36 23.32
C THR A 216 1.14 13.43 24.04
N THR A 217 1.73 14.33 23.27
CA THR A 217 2.50 15.46 23.80
C THR A 217 1.66 16.29 24.78
N THR A 218 2.31 16.81 25.82
CA THR A 218 1.63 17.64 26.82
C THR A 218 2.17 19.07 26.83
N ASP A 219 3.39 19.26 26.32
CA ASP A 219 4.02 20.58 26.23
C ASP A 219 3.86 21.20 24.84
N PHE A 220 3.57 20.36 23.85
CA PHE A 220 3.32 20.77 22.46
C PHE A 220 4.46 21.57 21.85
N ALA A 221 5.68 21.31 22.33
CA ALA A 221 6.85 22.10 21.93
C ALA A 221 7.24 21.91 20.46
N GLU A 222 6.75 20.82 19.87
CA GLU A 222 7.01 20.50 18.47
C GLU A 222 5.86 20.96 17.54
N PHE A 223 4.82 21.56 18.12
CA PHE A 223 3.76 22.19 17.32
C PHE A 223 4.22 23.59 16.84
N THR A 224 5.16 23.59 15.90
CA THR A 224 5.74 24.83 15.40
C THR A 224 5.36 25.05 13.94
N LEU A 225 5.50 26.29 13.45
CA LEU A 225 5.18 26.54 12.04
C LEU A 225 6.14 25.73 11.16
N SER A 226 7.40 25.67 11.59
CA SER A 226 8.41 24.86 10.91
C SER A 226 7.97 23.39 10.72
N ASN A 227 7.61 22.76 11.82
CA ASN A 227 7.18 21.38 11.79
C ASN A 227 5.90 21.25 10.97
N TYR A 228 4.97 22.20 11.16
CA TYR A 228 3.76 22.27 10.34
C TYR A 228 4.04 22.27 8.84
N LYS A 229 4.93 23.15 8.39
CA LYS A 229 5.20 23.29 6.97
C LYS A 229 5.78 22.01 6.35
N ARG A 230 6.60 21.29 7.11
CA ARG A 230 7.12 20.01 6.63
C ARG A 230 6.02 18.96 6.42
N ILE A 231 5.13 18.79 7.41
CA ILE A 231 4.05 17.81 7.31
C ILE A 231 3.32 18.03 5.98
N VAL A 232 2.97 19.29 5.76
CA VAL A 232 2.05 19.72 4.72
C VAL A 232 2.66 19.62 3.31
N LYS A 233 3.90 20.07 3.17
CA LYS A 233 4.67 19.91 1.92
C LYS A 233 4.62 18.42 1.44
N TYR A 234 4.95 17.51 2.35
CA TYR A 234 5.08 16.11 1.98
C TYR A 234 3.76 15.33 1.87
N LYS A 235 2.83 15.57 2.80
CA LYS A 235 1.59 14.82 2.79
C LYS A 235 0.63 15.29 1.71
N THR A 236 0.72 16.56 1.28
CA THR A 236 -0.29 17.13 0.37
C THR A 236 0.27 17.75 -0.91
N ALA A 237 1.34 18.55 -0.78
CA ALA A 237 1.74 19.41 -1.87
C ALA A 237 2.17 18.64 -3.11
N TYR A 238 2.93 17.57 -2.90
CA TYR A 238 3.48 16.82 -4.02
C TYR A 238 2.44 16.09 -4.88
N TYR A 239 1.50 15.38 -4.24
CA TYR A 239 0.54 14.58 -5.01
C TYR A 239 -0.66 15.41 -5.47
N THR A 240 -0.98 16.44 -4.70
CA THR A 240 -2.12 17.31 -5.01
C THR A 240 -1.82 18.38 -6.10
N TYR A 241 -0.61 18.95 -6.05
CA TYR A 241 -0.23 20.02 -6.97
C TYR A 241 0.84 19.68 -8.00
N LEU A 242 1.97 19.13 -7.53
CA LEU A 242 3.09 18.88 -8.45
C LEU A 242 2.77 17.73 -9.39
N LEU A 243 2.22 16.64 -8.87
CA LEU A 243 1.97 15.44 -9.69
C LEU A 243 1.00 15.65 -10.87
N PRO A 244 -0.15 16.35 -10.65
CA PRO A 244 -1.02 16.60 -11.82
C PRO A 244 -0.33 17.42 -12.92
N LEU A 245 0.40 18.46 -12.53
CA LEU A 245 1.19 19.28 -13.44
C LEU A 245 2.23 18.45 -14.22
N VAL A 246 3.06 17.71 -13.49
CA VAL A 246 4.09 16.82 -14.06
C VAL A 246 3.45 15.83 -15.06
N MET A 247 2.36 15.19 -14.64
CA MET A 247 1.73 14.20 -15.51
C MET A 247 1.19 14.80 -16.80
N GLY A 248 0.54 15.96 -16.70
CA GLY A 248 0.07 16.70 -17.87
C GLY A 248 1.22 16.98 -18.82
N LEU A 249 2.35 17.41 -18.27
CA LEU A 249 3.56 17.69 -19.08
C LEU A 249 4.13 16.45 -19.75
N ILE A 250 4.12 15.33 -19.04
CA ILE A 250 4.66 14.07 -19.57
C ILE A 250 3.86 13.62 -20.79
N VAL A 251 2.53 13.48 -20.64
CA VAL A 251 1.67 13.05 -21.76
C VAL A 251 1.68 14.04 -22.95
N SER A 252 2.07 15.28 -22.67
CA SER A 252 2.21 16.33 -23.68
C SER A 252 3.58 16.31 -24.35
N GLU A 253 4.44 15.41 -23.88
CA GLU A 253 5.83 15.30 -24.33
C GLU A 253 6.51 16.66 -24.26
N ALA A 254 6.28 17.37 -23.16
CA ALA A 254 6.70 18.77 -23.02
C ALA A 254 7.39 19.12 -21.71
N LEU A 255 7.72 18.11 -20.91
CA LEU A 255 8.31 18.33 -19.58
C LEU A 255 9.60 19.16 -19.59
N PRO A 256 10.56 18.83 -20.48
CA PRO A 256 11.80 19.61 -20.42
C PRO A 256 11.68 21.07 -20.83
N THR A 257 10.53 21.46 -21.37
CA THR A 257 10.31 22.84 -21.84
C THR A 257 10.06 23.86 -20.73
N VAL A 258 9.72 23.40 -19.53
CA VAL A 258 9.35 24.32 -18.45
C VAL A 258 10.44 24.41 -17.40
N ASP A 259 10.46 25.53 -16.67
CA ASP A 259 11.34 25.68 -15.52
C ASP A 259 10.78 24.82 -14.40
N MET A 260 11.48 23.74 -14.06
CA MET A 260 10.98 22.81 -13.06
C MET A 260 11.19 23.35 -11.65
N GLY A 261 12.26 24.13 -11.45
CA GLY A 261 12.48 24.81 -10.17
C GLY A 261 11.33 25.73 -9.80
N VAL A 262 10.93 26.55 -10.76
CA VAL A 262 9.81 27.45 -10.57
C VAL A 262 8.48 26.68 -10.42
N THR A 263 8.26 25.66 -11.25
CA THR A 263 7.05 24.84 -11.17
C THR A 263 6.90 24.19 -9.80
N GLU A 264 8.00 23.65 -9.29
CA GLU A 264 8.00 23.06 -7.97
C GLU A 264 7.74 24.09 -6.87
N GLU A 265 8.34 25.27 -6.97
CA GLU A 265 8.06 26.36 -6.02
C GLU A 265 6.57 26.67 -5.92
N LEU A 266 5.92 26.81 -7.07
CA LEU A 266 4.45 27.03 -7.17
C LEU A 266 3.65 25.93 -6.52
N ALA A 267 3.92 24.69 -6.94
CA ALA A 267 3.26 23.50 -6.39
C ALA A 267 3.31 23.40 -4.85
N MET A 268 4.49 23.68 -4.28
CA MET A 268 4.72 23.62 -2.84
C MET A 268 3.93 24.69 -2.11
N LEU A 269 4.03 25.91 -2.65
CA LEU A 269 3.23 27.06 -2.18
C LEU A 269 1.72 26.86 -2.30
N MET A 270 1.25 26.51 -3.48
CA MET A 270 -0.15 26.18 -3.67
C MET A 270 -0.60 25.01 -2.78
N GLY A 271 0.26 23.99 -2.67
CA GLY A 271 0.01 22.83 -1.81
C GLY A 271 -0.07 23.15 -0.32
N GLU A 272 0.82 24.02 0.16
CA GLU A 272 0.75 24.38 1.56
C GLU A 272 -0.56 25.12 1.86
N TYR A 273 -0.88 26.11 1.03
CA TYR A 273 -2.13 26.89 1.18
C TYR A 273 -3.40 26.03 1.17
N PHE A 274 -3.44 25.07 0.26
CA PHE A 274 -4.53 24.09 0.17
C PHE A 274 -4.76 23.35 1.49
N GLN A 275 -3.67 22.87 2.11
CA GLN A 275 -3.75 22.16 3.39
C GLN A 275 -4.15 23.06 4.54
N VAL A 276 -3.60 24.28 4.56
CA VAL A 276 -4.03 25.29 5.54
C VAL A 276 -5.53 25.46 5.41
N GLN A 277 -6.00 25.71 4.19
CA GLN A 277 -7.44 25.78 3.91
C GLN A 277 -8.20 24.58 4.42
N ASP A 278 -7.63 23.38 4.25
CA ASP A 278 -8.27 22.12 4.70
C ASP A 278 -8.38 22.09 6.22
N ASP A 279 -7.31 22.54 6.88
CA ASP A 279 -7.27 22.63 8.34
C ASP A 279 -8.29 23.62 8.90
N VAL A 280 -8.34 24.82 8.32
CA VAL A 280 -9.29 25.84 8.77
C VAL A 280 -10.73 25.33 8.63
N MET A 281 -11.04 24.80 7.45
CA MET A 281 -12.36 24.24 7.18
C MET A 281 -12.76 23.13 8.14
N ASP A 282 -11.79 22.30 8.54
CA ASP A 282 -12.04 21.23 9.50
C ASP A 282 -12.68 21.76 10.79
N CYS A 283 -12.24 22.94 11.20
CA CYS A 283 -12.65 23.51 12.47
C CYS A 283 -13.89 24.39 12.33
N PHE A 284 -13.95 25.17 11.26
CA PHE A 284 -14.95 26.23 11.14
C PHE A 284 -16.03 26.06 10.07
N THR A 285 -15.84 25.11 9.15
CA THR A 285 -16.84 24.88 8.11
C THR A 285 -17.90 23.87 8.57
N PRO A 286 -19.20 24.24 8.42
CA PRO A 286 -20.27 23.32 8.81
C PRO A 286 -20.11 22.01 8.06
N PRO A 287 -20.20 20.87 8.79
CA PRO A 287 -20.02 19.55 8.18
C PRO A 287 -20.73 19.38 6.82
N GLU A 288 -21.97 19.87 6.75
CA GLU A 288 -22.80 19.79 5.54
C GLU A 288 -22.08 20.26 4.27
N ARG A 289 -21.43 21.42 4.33
CA ARG A 289 -20.66 21.94 3.20
C ARG A 289 -19.47 21.06 2.91
N LEU A 290 -18.79 20.62 3.96
CA LEU A 290 -17.54 19.87 3.87
C LEU A 290 -17.79 18.44 3.39
N GLY A 291 -18.80 17.81 3.99
CA GLY A 291 -19.16 16.43 3.67
C GLY A 291 -18.64 15.48 4.73
N LYS A 292 -17.80 15.99 5.62
CA LYS A 292 -17.12 15.13 6.60
C LYS A 292 -17.09 15.78 7.98
N VAL A 293 -16.84 14.96 8.99
CA VAL A 293 -16.74 15.45 10.36
C VAL A 293 -15.27 15.67 10.70
N GLY A 294 -14.97 16.87 11.19
CA GLY A 294 -13.62 17.25 11.55
C GLY A 294 -13.07 16.46 12.72
N THR A 295 -11.85 15.95 12.56
CA THR A 295 -11.20 15.15 13.59
C THR A 295 -9.91 15.77 14.13
N ASP A 296 -9.50 16.90 13.55
CA ASP A 296 -8.19 17.50 13.85
C ASP A 296 -7.98 17.79 15.34
N ILE A 297 -8.94 18.47 15.97
CA ILE A 297 -8.85 18.75 17.40
C ILE A 297 -8.82 17.43 18.21
N GLN A 298 -9.82 16.57 17.96
CA GLN A 298 -9.91 15.25 18.58
C GLN A 298 -8.62 14.43 18.46
N ASP A 299 -8.02 14.42 17.26
CA ASP A 299 -6.81 13.63 17.00
C ASP A 299 -5.51 14.31 17.42
N ALA A 300 -5.65 15.45 18.11
CA ALA A 300 -4.49 16.24 18.57
C ALA A 300 -3.54 16.55 17.43
N LYS A 301 -4.11 16.85 16.25
CA LYS A 301 -3.33 17.08 15.04
C LYS A 301 -2.57 18.40 15.09
N CYS A 302 -1.41 18.40 14.43
CA CYS A 302 -0.60 19.61 14.28
C CYS A 302 -1.15 20.41 13.08
N SER A 303 -2.30 21.05 13.31
CA SER A 303 -2.97 21.82 12.29
C SER A 303 -2.38 23.22 12.20
N TRP A 304 -2.66 23.89 11.09
CA TRP A 304 -2.26 25.29 10.93
C TRP A 304 -2.81 26.16 12.06
N LEU A 305 -4.04 25.86 12.50
CA LEU A 305 -4.68 26.61 13.56
C LEU A 305 -3.95 26.44 14.89
N ALA A 306 -3.60 25.20 15.22
CA ALA A 306 -2.86 24.86 16.42
C ALA A 306 -1.51 25.56 16.50
N VAL A 307 -0.67 25.38 15.47
CA VAL A 307 0.65 26.01 15.50
C VAL A 307 0.57 27.53 15.50
N THR A 308 -0.37 28.10 14.75
CA THR A 308 -0.53 29.55 14.63
C THR A 308 -1.04 30.18 15.92
N PHE A 309 -1.98 29.50 16.56
CA PHE A 309 -2.46 29.88 17.88
C PHE A 309 -1.35 29.84 18.92
N LEU A 310 -0.69 28.68 19.04
CA LEU A 310 0.32 28.48 20.08
C LEU A 310 1.47 29.46 19.95
N ALA A 311 1.83 29.82 18.72
CA ALA A 311 2.92 30.76 18.49
C ALA A 311 2.62 32.18 18.99
N LYS A 312 1.35 32.56 19.08
CA LYS A 312 0.97 33.93 19.48
C LYS A 312 0.29 34.02 20.87
N ALA A 313 -0.10 32.87 21.41
CA ALA A 313 -0.86 32.79 22.67
C ALA A 313 -0.09 33.18 23.94
N SER A 314 -0.82 33.79 24.89
CA SER A 314 -0.33 34.03 26.23
C SER A 314 -0.22 32.69 26.95
N SER A 315 0.50 32.66 28.06
CA SER A 315 0.67 31.44 28.84
C SER A 315 -0.67 30.93 29.37
N ALA A 316 -1.57 31.87 29.71
CA ALA A 316 -2.90 31.54 30.21
C ALA A 316 -3.72 30.83 29.13
N GLN A 317 -3.68 31.35 27.91
CA GLN A 317 -4.32 30.72 26.76
C GLN A 317 -3.74 29.33 26.42
N VAL A 318 -2.41 29.23 26.42
CA VAL A 318 -1.70 27.97 26.19
C VAL A 318 -2.16 26.89 27.17
N ALA A 319 -2.28 27.28 28.44
CA ALA A 319 -2.81 26.41 29.48
C ALA A 319 -4.21 25.89 29.15
N GLU A 320 -5.12 26.79 28.78
CA GLU A 320 -6.50 26.40 28.44
C GLU A 320 -6.53 25.45 27.25
N PHE A 321 -5.75 25.75 26.21
CA PHE A 321 -5.53 24.84 25.07
C PHE A 321 -5.06 23.46 25.52
N LYS A 322 -4.05 23.45 26.38
CA LYS A 322 -3.41 22.23 26.84
C LYS A 322 -4.39 21.34 27.59
N ALA A 323 -5.30 21.96 28.34
CA ALA A 323 -6.34 21.24 29.08
C ALA A 323 -7.54 20.80 28.23
N ASN A 324 -7.56 21.19 26.95
CA ASN A 324 -8.73 21.02 26.10
C ASN A 324 -8.48 20.34 24.74
N TYR A 325 -7.22 20.16 24.37
CA TYR A 325 -6.89 19.61 23.04
C TYR A 325 -6.67 18.11 23.06
N GLY A 326 -7.11 17.46 21.98
CA GLY A 326 -6.85 16.04 21.77
C GLY A 326 -7.81 15.16 22.53
N SER A 327 -8.99 15.72 22.80
CA SER A 327 -10.04 15.01 23.53
C SER A 327 -11.33 15.00 22.72
N GLY A 328 -11.99 13.84 22.69
CA GLY A 328 -13.29 13.69 22.05
C GLY A 328 -14.43 14.45 22.71
N ASP A 329 -14.20 14.91 23.95
CA ASP A 329 -15.24 15.59 24.72
C ASP A 329 -15.75 16.87 24.07
N SER A 330 -17.04 16.88 23.75
CA SER A 330 -17.74 18.00 23.09
C SER A 330 -17.39 19.42 23.57
N GLU A 331 -17.38 19.62 24.89
CA GLU A 331 -17.15 20.96 25.46
C GLU A 331 -15.68 21.44 25.41
N LYS A 332 -14.75 20.48 25.48
CA LYS A 332 -13.32 20.76 25.35
C LYS A 332 -12.98 21.17 23.92
N VAL A 333 -13.63 20.50 22.96
CA VAL A 333 -13.54 20.82 21.54
C VAL A 333 -14.05 22.25 21.27
N ALA A 334 -15.16 22.62 21.91
CA ALA A 334 -15.74 23.95 21.75
C ALA A 334 -14.99 25.02 22.56
N THR A 335 -14.17 24.59 23.51
CA THR A 335 -13.26 25.51 24.20
C THR A 335 -12.13 25.90 23.23
N VAL A 336 -11.49 24.89 22.62
CA VAL A 336 -10.42 25.09 21.62
C VAL A 336 -10.87 26.01 20.47
N ARG A 337 -12.10 25.83 20.01
CA ARG A 337 -12.67 26.64 18.92
C ARG A 337 -12.80 28.13 19.29
N ARG A 338 -13.21 28.39 20.53
CA ARG A 338 -13.37 29.75 21.06
C ARG A 338 -11.99 30.39 21.28
N LEU A 339 -11.03 29.58 21.74
CA LEU A 339 -9.64 30.03 21.91
C LEU A 339 -9.06 30.49 20.57
N TYR A 340 -9.35 29.73 19.50
CA TYR A 340 -8.97 30.10 18.14
C TYR A 340 -9.68 31.40 17.69
N GLU A 341 -11.00 31.44 17.80
CA GLU A 341 -11.76 32.65 17.39
C GLU A 341 -11.28 33.91 18.13
N GLU A 342 -10.99 33.77 19.41
CA GLU A 342 -10.53 34.88 20.27
C GLU A 342 -9.11 35.38 19.95
N ALA A 343 -8.28 34.52 19.38
CA ALA A 343 -6.89 34.87 19.09
C ALA A 343 -6.71 35.47 17.69
N ASP A 344 -7.84 35.81 17.06
CA ASP A 344 -7.88 36.34 15.69
C ASP A 344 -7.10 35.49 14.67
N LEU A 345 -7.40 34.20 14.68
CA LEU A 345 -6.86 33.28 13.69
C LEU A 345 -7.36 33.62 12.29
N GLN A 346 -8.55 34.22 12.21
CA GLN A 346 -9.14 34.57 10.91
C GLN A 346 -8.40 35.74 10.23
N GLY A 347 -7.84 36.64 11.03
CA GLY A 347 -6.97 37.70 10.54
C GLY A 347 -5.62 37.17 10.11
N ASP A 348 -5.04 36.29 10.91
CA ASP A 348 -3.83 35.60 10.52
C ASP A 348 -4.04 34.90 9.17
N TYR A 349 -5.20 34.27 9.02
CA TYR A 349 -5.51 33.49 7.81
C TYR A 349 -5.61 34.38 6.56
N VAL A 350 -6.34 35.49 6.68
CA VAL A 350 -6.47 36.47 5.57
C VAL A 350 -5.10 36.99 5.13
N ALA A 351 -4.26 37.31 6.10
CA ALA A 351 -2.93 37.82 5.85
C ALA A 351 -2.04 36.79 5.18
N TYR A 352 -2.17 35.53 5.60
CA TYR A 352 -1.39 34.46 5.00
C TYR A 352 -1.84 34.26 3.56
N GLU A 353 -3.15 34.20 3.38
CA GLU A 353 -3.77 34.01 2.06
C GLU A 353 -3.32 35.07 1.07
N ALA A 354 -3.31 36.32 1.54
CA ALA A 354 -2.80 37.46 0.77
C ALA A 354 -1.32 37.32 0.40
N ALA A 355 -0.50 36.92 1.36
CA ALA A 355 0.91 36.74 1.09
C ALA A 355 1.13 35.62 0.06
N VAL A 356 0.34 34.55 0.16
CA VAL A 356 0.40 33.44 -0.79
C VAL A 356 0.00 33.87 -2.20
N ALA A 357 -1.14 34.54 -2.34
CA ALA A 357 -1.61 35.00 -3.65
C ALA A 357 -0.56 35.90 -4.30
N GLU A 358 0.12 36.69 -3.46
CA GLU A 358 1.22 37.54 -3.89
C GLU A 358 2.39 36.72 -4.45
N GLN A 359 2.88 35.75 -3.67
CA GLN A 359 4.00 34.90 -4.11
C GLN A 359 3.64 34.08 -5.33
N VAL A 360 2.40 33.57 -5.36
CA VAL A 360 1.87 32.81 -6.49
C VAL A 360 1.90 33.60 -7.81
N LYS A 361 1.29 34.78 -7.81
CA LYS A 361 1.29 35.67 -8.98
C LYS A 361 2.67 35.82 -9.61
N GLU A 362 3.66 36.20 -8.79
CA GLU A 362 5.03 36.42 -9.26
C GLU A 362 5.64 35.20 -9.92
N LEU A 363 5.43 34.04 -9.32
CA LEU A 363 5.99 32.82 -9.86
C LEU A 363 5.35 32.45 -11.21
N ILE A 364 4.03 32.64 -11.31
CA ILE A 364 3.30 32.36 -12.56
C ILE A 364 3.83 33.22 -13.72
N GLU A 365 4.12 34.48 -13.43
CA GLU A 365 4.67 35.40 -14.43
C GLU A 365 6.03 34.94 -14.93
N LYS A 366 6.91 34.58 -13.98
CA LYS A 366 8.21 33.97 -14.29
C LYS A 366 8.06 32.74 -15.18
N LEU A 367 6.98 31.97 -14.93
CA LEU A 367 6.70 30.78 -15.71
C LEU A 367 6.16 31.15 -17.09
N ARG A 368 5.41 32.25 -17.15
CA ARG A 368 4.75 32.69 -18.37
C ARG A 368 5.72 33.12 -19.47
N LEU A 369 6.91 33.56 -19.04
CA LEU A 369 7.95 34.05 -19.94
C LEU A 369 8.33 33.01 -20.99
N CYS A 370 8.83 31.86 -20.55
CA CYS A 370 9.27 30.80 -21.46
C CYS A 370 8.17 29.78 -21.74
N SER A 371 7.22 29.67 -20.81
CA SER A 371 6.17 28.67 -20.91
C SER A 371 4.80 29.33 -20.74
N PRO A 372 4.33 30.03 -21.79
CA PRO A 372 3.07 30.77 -21.72
C PRO A 372 1.82 29.90 -21.48
N GLY A 373 1.71 28.79 -22.21
CA GLY A 373 0.54 27.91 -22.12
C GLY A 373 0.45 27.14 -20.81
N PHE A 374 1.61 26.78 -20.27
CA PHE A 374 1.68 26.06 -19.01
C PHE A 374 1.29 26.98 -17.85
N ALA A 375 1.84 28.18 -17.86
CA ALA A 375 1.48 29.20 -16.88
C ALA A 375 -0.02 29.41 -16.82
N ALA A 376 -0.68 29.42 -17.98
CA ALA A 376 -2.13 29.59 -18.02
C ALA A 376 -2.85 28.46 -17.30
N SER A 377 -2.42 27.22 -17.53
CA SER A 377 -3.02 26.06 -16.87
C SER A 377 -2.76 26.07 -15.37
N VAL A 378 -1.59 26.59 -14.97
CA VAL A 378 -1.28 26.78 -13.54
C VAL A 378 -2.18 27.86 -12.93
N GLU A 379 -2.40 28.95 -13.67
CA GLU A 379 -3.32 30.01 -13.22
C GLU A 379 -4.76 29.49 -13.05
N THR A 380 -5.17 28.59 -13.93
CA THR A 380 -6.50 27.96 -13.83
C THR A 380 -6.57 27.06 -12.60
N LEU A 381 -5.46 26.35 -12.32
CA LEU A 381 -5.36 25.55 -11.11
C LEU A 381 -5.46 26.45 -9.85
N TRP A 382 -4.69 27.53 -9.85
CA TRP A 382 -4.75 28.48 -8.74
C TRP A 382 -6.17 29.00 -8.53
N GLY A 383 -6.88 29.26 -9.63
CA GLY A 383 -8.28 29.70 -9.58
C GLY A 383 -9.19 28.75 -8.86
N LYS A 384 -8.95 27.44 -9.02
CA LYS A 384 -9.69 26.37 -8.34
C LYS A 384 -9.27 26.19 -6.88
N THR A 385 -8.35 27.02 -6.42
CA THR A 385 -7.74 26.84 -5.11
C THR A 385 -7.93 28.08 -4.22
N TYR A 386 -7.55 29.23 -4.76
CA TYR A 386 -7.68 30.52 -4.08
C TYR A 386 -9.12 30.78 -3.64
N LYS A 387 -9.27 30.98 -2.33
CA LYS A 387 -10.56 31.28 -1.68
C LYS A 387 -11.64 30.22 -1.98
N ARG A 388 -11.22 28.98 -2.22
CA ARG A 388 -12.17 27.90 -2.42
C ARG A 388 -13.07 27.77 -1.19
N GLN A 389 -14.35 27.52 -1.43
CA GLN A 389 -15.33 27.33 -0.38
C GLN A 389 -15.58 25.83 -0.30
N LYS A 390 -14.83 25.12 -1.15
CA LYS A 390 -15.01 23.70 -1.50
C LYS A 390 -16.12 22.90 -0.83
N MET B 24 27.87 -17.94 2.90
CA MET B 24 28.28 -17.11 1.72
C MET B 24 27.10 -16.42 1.02
N PRO B 25 26.06 -17.17 0.62
CA PRO B 25 24.90 -16.45 0.08
C PRO B 25 24.35 -15.44 1.08
N MET B 26 24.26 -15.83 2.35
CA MET B 26 23.80 -14.96 3.43
C MET B 26 24.72 -13.77 3.63
N GLN B 27 26.03 -14.01 3.53
CA GLN B 27 27.07 -13.00 3.72
C GLN B 27 26.85 -11.78 2.81
N MET B 28 26.74 -12.06 1.51
CA MET B 28 26.54 -11.05 0.48
C MET B 28 25.20 -10.32 0.67
N PHE B 29 24.12 -11.11 0.80
CA PHE B 29 22.76 -10.62 0.98
C PHE B 29 22.66 -9.61 2.13
N MET B 30 23.40 -9.84 3.20
CA MET B 30 23.40 -8.91 4.33
C MET B 30 24.31 -7.68 4.15
N GLN B 31 25.27 -7.75 3.21
CA GLN B 31 26.04 -6.56 2.83
C GLN B 31 25.15 -5.63 2.01
N VAL B 32 24.31 -6.22 1.17
CA VAL B 32 23.46 -5.44 0.30
C VAL B 32 22.31 -4.84 1.12
N TYR B 33 21.88 -5.54 2.17
CA TYR B 33 20.93 -4.95 3.13
C TYR B 33 21.46 -3.64 3.69
N ASP B 34 22.72 -3.62 4.18
CA ASP B 34 23.39 -2.39 4.64
C ASP B 34 23.43 -1.28 3.59
N GLU B 35 23.77 -1.66 2.37
CA GLU B 35 23.81 -0.72 1.26
C GLU B 35 22.44 -0.07 1.05
N ILE B 36 21.42 -0.91 1.05
CA ILE B 36 20.07 -0.44 0.76
C ILE B 36 19.57 0.46 1.88
N GLN B 37 19.68 -0.02 3.12
CA GLN B 37 19.27 0.77 4.29
C GLN B 37 19.96 2.13 4.20
N MET B 38 21.28 2.12 4.03
CA MET B 38 22.08 3.37 3.96
C MET B 38 21.54 4.34 2.92
N PHE B 39 21.22 3.81 1.75
CA PHE B 39 20.73 4.65 0.70
C PHE B 39 19.38 5.25 1.09
N LEU B 40 18.51 4.43 1.69
CA LEU B 40 17.16 4.88 2.03
C LEU B 40 17.12 5.94 3.14
N LEU B 41 17.79 5.66 4.26
CA LEU B 41 17.70 6.54 5.43
C LEU B 41 18.41 7.88 5.23
N GLU B 42 19.52 7.83 4.52
CA GLU B 42 20.27 9.05 4.14
C GLU B 42 19.48 9.92 3.17
N GLU B 43 18.87 9.30 2.16
CA GLU B 43 18.03 10.03 1.22
C GLU B 43 16.94 10.77 1.98
N LEU B 44 16.34 10.08 2.96
CA LEU B 44 15.35 10.67 3.83
C LEU B 44 15.87 11.92 4.57
N GLU B 45 17.12 11.84 5.04
CA GLU B 45 17.70 12.92 5.82
C GLU B 45 18.05 14.07 4.91
N LEU B 46 18.57 13.76 3.72
CA LEU B 46 19.10 14.75 2.76
C LEU B 46 18.04 15.44 1.88
N LYS B 47 16.99 14.69 1.51
CA LYS B 47 16.02 15.14 0.50
C LYS B 47 14.56 15.21 0.97
N PHE B 48 14.31 14.74 2.19
CA PHE B 48 12.95 14.70 2.76
C PHE B 48 12.88 15.37 4.13
N ASP B 49 13.88 16.18 4.46
CA ASP B 49 13.91 16.95 5.72
C ASP B 49 13.69 16.14 7.00
N MET B 50 14.12 14.88 7.01
CA MET B 50 13.84 14.06 8.16
C MET B 50 14.83 14.28 9.27
N ASP B 51 14.29 14.40 10.49
CA ASP B 51 15.05 14.56 11.71
C ASP B 51 15.67 13.21 12.11
N PRO B 52 16.77 13.22 12.91
CA PRO B 52 17.42 12.00 13.43
C PRO B 52 16.51 11.01 14.15
N ASN B 53 15.56 11.52 14.94
CA ASN B 53 14.62 10.68 15.67
C ASN B 53 13.74 9.79 14.78
N ARG B 54 13.16 10.36 13.73
CA ARG B 54 12.34 9.59 12.79
C ARG B 54 13.18 8.67 11.89
N VAL B 55 14.40 9.08 11.52
CA VAL B 55 15.30 8.18 10.77
C VAL B 55 15.58 7.00 11.69
N ARG B 56 15.81 7.28 12.97
CA ARG B 56 16.02 6.24 13.97
C ARG B 56 14.82 5.31 14.05
N TYR B 57 13.61 5.87 14.13
CA TYR B 57 12.36 5.08 14.14
C TYR B 57 12.27 4.17 12.93
N LEU B 58 12.49 4.76 11.73
CA LEU B 58 12.41 3.98 10.49
C LEU B 58 13.48 2.89 10.33
N ARG B 59 14.68 3.11 10.88
CA ARG B 59 15.75 2.09 10.85
C ARG B 59 15.35 0.87 11.70
N LYS B 60 14.77 1.13 12.85
CA LYS B 60 14.26 0.06 13.72
C LYS B 60 13.09 -0.64 13.04
N MET B 61 12.13 0.14 12.54
CA MET B 61 11.01 -0.45 11.79
C MET B 61 11.52 -1.38 10.70
N MET B 62 12.40 -0.89 9.84
CA MET B 62 12.97 -1.66 8.74
C MET B 62 13.64 -2.96 9.22
N ASP B 63 14.49 -2.87 10.26
CA ASP B 63 15.14 -4.07 10.82
C ASP B 63 14.09 -5.05 11.38
N THR B 64 13.19 -4.57 12.23
CA THR B 64 12.14 -5.42 12.85
C THR B 64 11.27 -6.11 11.81
N THR B 65 10.82 -5.35 10.81
CA THR B 65 9.89 -5.90 9.81
C THR B 65 10.54 -6.74 8.70
N CYS B 66 11.76 -6.41 8.30
CA CYS B 66 12.42 -7.10 7.16
C CYS B 66 13.32 -8.26 7.56
N LEU B 67 13.84 -8.21 8.79
CA LEU B 67 14.86 -9.19 9.24
C LEU B 67 14.32 -10.16 10.23
N GLY B 68 14.95 -11.31 10.32
CA GLY B 68 14.59 -12.33 11.29
C GLY B 68 13.85 -13.49 10.69
N GLY B 69 13.53 -13.41 9.40
CA GLY B 69 12.92 -14.53 8.68
C GLY B 69 14.00 -15.44 8.12
N LYS B 70 13.62 -16.50 7.43
CA LYS B 70 14.61 -17.41 6.80
C LYS B 70 15.17 -16.83 5.49
N TYR B 71 14.50 -15.79 4.98
CA TYR B 71 14.81 -15.20 3.69
C TYR B 71 14.76 -16.16 2.51
N ASN B 72 13.90 -17.18 2.53
CA ASN B 72 13.75 -18.07 1.35
C ASN B 72 13.55 -17.33 0.04
N ARG B 73 12.64 -16.35 0.03
CA ARG B 73 12.33 -15.58 -1.18
C ARG B 73 13.55 -14.82 -1.71
N GLY B 74 14.20 -14.09 -0.82
CA GLY B 74 15.33 -13.26 -1.20
C GLY B 74 16.44 -14.13 -1.73
N LEU B 75 16.73 -15.20 -1.00
CA LEU B 75 17.90 -16.01 -1.29
C LEU B 75 17.74 -16.82 -2.57
N THR B 76 16.48 -17.14 -2.91
CA THR B 76 16.13 -17.81 -4.15
C THR B 76 16.51 -16.98 -5.37
N VAL B 77 16.24 -15.67 -5.34
CA VAL B 77 16.71 -14.78 -6.43
C VAL B 77 18.21 -14.95 -6.64
N ILE B 78 19.02 -14.89 -5.58
CA ILE B 78 20.47 -15.04 -5.72
C ILE B 78 20.81 -16.40 -6.36
N ASP B 79 20.22 -17.45 -5.82
CA ASP B 79 20.52 -18.81 -6.28
C ASP B 79 20.17 -19.05 -7.75
N VAL B 80 19.01 -18.57 -8.20
CA VAL B 80 18.58 -18.69 -9.59
C VAL B 80 19.54 -17.90 -10.49
N ALA B 81 19.85 -16.67 -10.10
CA ALA B 81 20.77 -15.82 -10.87
C ALA B 81 22.06 -16.58 -11.14
N GLU B 82 22.78 -16.91 -10.07
CA GLU B 82 23.98 -17.71 -10.14
C GLU B 82 23.85 -18.95 -11.06
N SER B 83 22.76 -19.70 -10.95
CA SER B 83 22.53 -20.89 -11.77
C SER B 83 22.37 -20.60 -13.25
N LEU B 84 21.99 -19.38 -13.60
CA LEU B 84 21.73 -19.01 -14.99
C LEU B 84 22.86 -18.18 -15.59
N LEU B 85 23.94 -18.04 -14.83
CA LEU B 85 25.06 -17.18 -15.16
C LEU B 85 25.86 -17.68 -16.37
N SER B 86 25.95 -19.00 -16.52
CA SER B 86 26.74 -19.62 -17.59
C SER B 86 26.18 -19.41 -19.00
N LEU B 87 24.89 -19.07 -19.09
CA LEU B 87 24.27 -18.75 -20.36
C LEU B 87 24.74 -17.38 -20.86
N ASP B 96 35.56 -13.94 -19.23
CA ASP B 96 35.01 -12.87 -18.41
C ASP B 96 35.97 -12.47 -17.30
N ASP B 97 35.99 -11.18 -16.97
CA ASP B 97 36.76 -10.66 -15.84
C ASP B 97 36.00 -10.80 -14.52
N GLY B 98 34.81 -11.40 -14.58
CA GLY B 98 33.97 -11.59 -13.40
C GLY B 98 33.07 -10.39 -13.12
N ALA B 99 33.25 -9.32 -13.90
CA ALA B 99 32.44 -8.12 -13.78
C ALA B 99 30.95 -8.41 -13.96
N ARG B 100 30.61 -9.27 -14.91
CA ARG B 100 29.24 -9.77 -15.07
C ARG B 100 28.73 -10.41 -13.78
N ARG B 101 29.53 -11.32 -13.24
CA ARG B 101 29.15 -12.04 -12.02
C ARG B 101 28.90 -11.09 -10.85
N LYS B 102 29.80 -10.14 -10.66
CA LYS B 102 29.64 -9.10 -9.65
C LYS B 102 28.31 -8.38 -9.84
N ARG B 103 28.06 -7.93 -11.07
CA ARG B 103 26.86 -7.15 -11.40
C ARG B 103 25.56 -7.94 -11.24
N VAL B 104 25.49 -9.10 -11.86
CA VAL B 104 24.29 -9.93 -11.82
C VAL B 104 23.90 -10.33 -10.39
N LEU B 105 24.89 -10.74 -9.60
CA LEU B 105 24.66 -11.20 -8.24
C LEU B 105 24.28 -10.05 -7.31
N HIS B 106 24.84 -8.88 -7.55
CA HIS B 106 24.44 -7.70 -6.80
C HIS B 106 23.00 -7.25 -7.16
N ASP B 107 22.66 -7.26 -8.45
CA ASP B 107 21.28 -7.00 -8.88
C ASP B 107 20.34 -8.07 -8.29
N ALA B 108 20.82 -9.31 -8.22
CA ALA B 108 20.01 -10.40 -7.66
C ALA B 108 19.75 -10.18 -6.18
N CYS B 109 20.77 -9.70 -5.44
CA CYS B 109 20.60 -9.33 -4.03
C CYS B 109 19.58 -8.20 -3.83
N VAL B 110 19.63 -7.18 -4.68
CA VAL B 110 18.67 -6.08 -4.58
C VAL B 110 17.23 -6.54 -4.85
N CYS B 111 17.07 -7.38 -5.88
CA CYS B 111 15.73 -7.94 -6.22
C CYS B 111 15.25 -8.81 -5.07
N GLY B 112 16.19 -9.55 -4.49
CA GLY B 112 15.95 -10.32 -3.27
C GLY B 112 15.33 -9.47 -2.19
N TRP B 113 15.97 -8.34 -1.87
CA TRP B 113 15.43 -7.42 -0.87
C TRP B 113 14.10 -6.74 -1.25
N MET B 114 13.85 -6.56 -2.54
CA MET B 114 12.59 -6.02 -3.05
C MET B 114 11.46 -6.96 -2.63
N ILE B 115 11.59 -8.25 -2.97
CA ILE B 115 10.66 -9.27 -2.46
C ILE B 115 10.60 -9.39 -0.91
N GLU B 116 11.75 -9.40 -0.22
CA GLU B 116 11.70 -9.40 1.25
C GLU B 116 11.00 -8.16 1.85
N PHE B 117 11.24 -7.00 1.28
CA PHE B 117 10.55 -5.76 1.71
C PHE B 117 9.07 -5.80 1.30
N LEU B 118 8.78 -6.39 0.15
CA LEU B 118 7.38 -6.57 -0.26
C LEU B 118 6.70 -7.47 0.77
N GLN B 119 7.32 -8.62 1.03
CA GLN B 119 6.85 -9.51 2.12
C GLN B 119 6.63 -8.79 3.44
N ALA B 120 7.60 -7.98 3.87
CA ALA B 120 7.51 -7.26 5.16
C ALA B 120 6.28 -6.37 5.21
N HIS B 121 6.06 -5.66 4.11
CA HIS B 121 4.83 -4.89 3.89
C HIS B 121 3.59 -5.78 4.14
N TYR B 122 3.53 -6.93 3.48
CA TYR B 122 2.35 -7.77 3.54
C TYR B 122 2.09 -8.20 4.98
N LEU B 123 3.16 -8.57 5.68
CA LEU B 123 3.06 -9.14 7.03
C LEU B 123 2.66 -8.12 8.06
N VAL B 124 3.22 -6.92 7.94
CA VAL B 124 2.76 -5.80 8.72
C VAL B 124 1.22 -5.62 8.62
N GLU B 125 0.71 -5.47 7.40
CA GLU B 125 -0.73 -5.29 7.19
C GLU B 125 -1.60 -6.53 7.52
N ASP B 126 -1.11 -7.70 7.12
CA ASP B 126 -1.77 -8.96 7.40
C ASP B 126 -1.90 -9.24 8.90
N ASP B 127 -0.87 -8.95 9.70
CA ASP B 127 -0.99 -9.11 11.17
C ASP B 127 -2.11 -8.23 11.77
N ILE B 128 -2.24 -7.01 11.25
CA ILE B 128 -3.36 -6.12 11.57
C ILE B 128 -4.71 -6.74 11.12
N MET B 129 -4.80 -7.17 9.86
CA MET B 129 -6.06 -7.76 9.33
C MET B 129 -6.46 -9.03 10.09
N ASP B 130 -5.46 -9.77 10.55
CA ASP B 130 -5.68 -11.08 11.18
C ASP B 130 -5.78 -11.00 12.70
N ASN B 131 -5.51 -9.80 13.24
CA ASN B 131 -5.48 -9.55 14.69
C ASN B 131 -4.51 -10.51 15.39
N SER B 132 -3.33 -10.67 14.79
CA SER B 132 -2.29 -11.55 15.34
C SER B 132 -1.58 -10.83 16.48
N VAL B 133 -0.99 -11.61 17.36
CA VAL B 133 -0.37 -11.07 18.56
C VAL B 133 1.16 -11.02 18.43
N THR B 134 1.74 -12.08 17.89
CA THR B 134 3.18 -12.18 17.73
C THR B 134 3.57 -12.62 16.31
N ARG B 135 4.83 -12.37 15.96
CA ARG B 135 5.44 -12.83 14.73
C ARG B 135 6.94 -13.03 14.95
N ARG B 136 7.50 -14.15 14.50
CA ARG B 136 8.92 -14.47 14.69
C ARG B 136 9.33 -14.20 16.14
N GLY B 137 8.63 -14.84 17.09
CA GLY B 137 8.92 -14.63 18.52
C GLY B 137 8.89 -13.21 19.08
N LYS B 138 8.54 -12.23 18.24
CA LYS B 138 8.37 -10.83 18.68
C LYS B 138 6.90 -10.44 18.59
N PRO B 139 6.50 -9.36 19.27
CA PRO B 139 5.16 -8.85 19.01
C PRO B 139 5.04 -8.40 17.56
N CYS B 140 3.86 -8.58 16.96
CA CYS B 140 3.57 -8.01 15.66
C CYS B 140 3.90 -6.52 15.69
N TRP B 141 4.33 -5.98 14.55
CA TRP B 141 4.71 -4.57 14.49
C TRP B 141 3.66 -3.63 15.10
N TYR B 142 2.40 -3.80 14.70
CA TYR B 142 1.30 -2.98 15.23
C TYR B 142 1.03 -3.25 16.72
N ARG B 143 1.60 -4.32 17.26
CA ARG B 143 1.44 -4.65 18.68
C ARG B 143 2.59 -4.15 19.55
N HIS B 144 3.63 -3.57 18.94
CA HIS B 144 4.72 -2.95 19.70
C HIS B 144 4.16 -1.80 20.55
N PRO B 145 4.68 -1.65 21.79
CA PRO B 145 4.18 -0.62 22.73
C PRO B 145 4.16 0.79 22.14
N ASP B 146 5.22 1.19 21.44
CA ASP B 146 5.25 2.54 20.87
C ASP B 146 4.89 2.65 19.39
N VAL B 147 4.20 1.65 18.88
CA VAL B 147 3.69 1.73 17.53
C VAL B 147 2.18 1.69 17.63
N THR B 148 1.55 2.80 17.24
CA THR B 148 0.10 2.86 17.17
C THR B 148 -0.37 2.11 15.94
N VAL B 149 -1.65 1.69 15.95
CA VAL B 149 -2.19 0.95 14.81
C VAL B 149 -2.10 1.82 13.56
N GLN B 150 -2.25 3.14 13.72
CA GLN B 150 -2.30 4.04 12.57
C GLN B 150 -0.94 4.18 11.92
N CYS B 151 0.09 4.36 12.75
CA CYS B 151 1.45 4.46 12.25
C CYS B 151 1.81 3.16 11.58
N ALA B 152 1.45 2.04 12.22
CA ALA B 152 1.75 0.70 11.69
C ALA B 152 1.18 0.47 10.29
N ILE B 153 -0.03 0.95 10.04
CA ILE B 153 -0.60 0.88 8.69
C ILE B 153 0.33 1.60 7.70
N ASN B 154 0.68 2.84 8.05
CA ASN B 154 1.57 3.65 7.25
C ASN B 154 2.98 3.09 7.09
N ASP B 155 3.52 2.54 8.18
CA ASP B 155 4.83 1.86 8.14
C ASP B 155 4.76 0.75 7.10
N GLY B 156 3.66 -0.02 7.07
CA GLY B 156 3.47 -1.01 6.01
C GLY B 156 3.58 -0.37 4.62
N LEU B 157 2.96 0.80 4.43
CA LEU B 157 2.94 1.51 3.15
C LEU B 157 4.33 1.96 2.75
N LEU B 158 5.07 2.43 3.75
CA LEU B 158 6.48 2.81 3.60
C LEU B 158 7.32 1.64 3.07
N LEU B 159 7.16 0.48 3.71
CA LEU B 159 7.79 -0.78 3.25
C LEU B 159 7.60 -1.06 1.75
N LYS B 160 6.35 -0.94 1.29
CA LYS B 160 6.01 -1.15 -0.12
C LYS B 160 6.70 -0.10 -1.01
N SER B 161 6.59 1.18 -0.64
CA SER B 161 7.28 2.26 -1.40
C SER B 161 8.81 2.09 -1.50
N TRP B 162 9.42 1.47 -0.49
CA TRP B 162 10.88 1.29 -0.47
C TRP B 162 11.34 0.32 -1.56
N THR B 163 10.44 -0.64 -1.87
CA THR B 163 10.68 -1.55 -2.97
C THR B 163 10.85 -0.78 -4.27
N HIS B 164 9.98 0.21 -4.53
CA HIS B 164 10.13 1.01 -5.72
C HIS B 164 11.37 1.90 -5.69
N MET B 165 11.63 2.50 -4.54
CA MET B 165 12.79 3.38 -4.33
C MET B 165 14.15 2.67 -4.54
N MET B 166 14.29 1.47 -4.00
CA MET B 166 15.54 0.72 -4.22
C MET B 166 15.74 0.28 -5.67
N ALA B 167 14.67 -0.14 -6.34
CA ALA B 167 14.71 -0.60 -7.72
C ALA B 167 15.16 0.53 -8.62
N MET B 168 14.58 1.70 -8.41
CA MET B 168 14.88 2.88 -9.22
C MET B 168 16.32 3.32 -9.01
N HIS B 169 16.79 3.30 -7.78
CA HIS B 169 18.18 3.68 -7.49
C HIS B 169 19.18 2.73 -8.14
N PHE B 170 19.00 1.44 -7.90
CA PHE B 170 19.98 0.45 -8.36
C PHE B 170 19.83 0.06 -9.83
N PHE B 171 18.60 0.10 -10.35
CA PHE B 171 18.35 -0.40 -11.71
C PHE B 171 18.04 0.67 -12.77
N ALA B 172 18.30 1.92 -12.41
CA ALA B 172 18.04 3.08 -13.29
C ALA B 172 18.50 2.83 -14.74
N ASP B 173 19.72 2.31 -14.86
CA ASP B 173 20.39 2.18 -16.15
C ASP B 173 20.25 0.77 -16.75
N ARG B 174 19.46 -0.10 -16.12
CA ARG B 174 19.26 -1.45 -16.67
C ARG B 174 18.16 -1.51 -17.75
N PRO B 175 18.45 -2.20 -18.87
CA PRO B 175 17.46 -2.41 -19.93
C PRO B 175 16.21 -3.14 -19.40
N PHE B 176 16.39 -3.95 -18.37
CA PHE B 176 15.32 -4.81 -17.88
C PHE B 176 14.37 -4.13 -16.88
N LEU B 177 14.69 -2.89 -16.47
CA LEU B 177 13.92 -2.22 -15.41
C LEU B 177 12.40 -2.26 -15.64
N GLN B 178 11.93 -1.74 -16.77
CA GLN B 178 10.49 -1.70 -17.07
C GLN B 178 9.82 -3.08 -16.96
N ASP B 179 10.42 -4.09 -17.57
CA ASP B 179 9.88 -5.45 -17.46
C ASP B 179 9.90 -5.95 -16.01
N LEU B 180 11.02 -5.74 -15.32
CA LEU B 180 11.14 -6.11 -13.92
C LEU B 180 9.99 -5.48 -13.10
N LEU B 181 9.82 -4.17 -13.23
CA LEU B 181 8.79 -3.42 -12.47
C LEU B 181 7.37 -3.79 -12.86
N CYS B 182 7.13 -4.04 -14.15
CA CYS B 182 5.84 -4.52 -14.66
C CYS B 182 5.42 -5.83 -13.95
N ARG B 183 6.34 -6.78 -13.90
CA ARG B 183 6.04 -8.11 -13.36
C ARG B 183 5.86 -8.07 -11.84
N PHE B 184 6.73 -7.29 -11.19
CA PHE B 184 6.74 -7.14 -9.74
C PHE B 184 5.40 -6.56 -9.36
N ASN B 185 5.01 -5.51 -10.07
CA ASN B 185 3.70 -4.87 -9.85
C ASN B 185 2.48 -5.75 -10.14
N ARG B 186 2.53 -6.53 -11.21
CA ARG B 186 1.50 -7.54 -11.47
C ARG B 186 1.33 -8.50 -10.27
N VAL B 187 2.43 -9.10 -9.82
CA VAL B 187 2.42 -10.06 -8.68
C VAL B 187 1.90 -9.39 -7.39
N ASP B 188 2.35 -8.17 -7.14
CA ASP B 188 1.87 -7.41 -5.99
C ASP B 188 0.34 -7.27 -6.00
N TYR B 189 -0.21 -6.88 -7.16
CA TYR B 189 -1.68 -6.82 -7.37
C TYR B 189 -2.35 -8.19 -7.16
N THR B 190 -1.77 -9.20 -7.77
CA THR B 190 -2.22 -10.59 -7.58
C THR B 190 -2.34 -10.96 -6.10
N THR B 191 -1.34 -10.57 -5.32
CA THR B 191 -1.30 -10.93 -3.89
C THR B 191 -2.42 -10.24 -3.10
N ALA B 192 -2.72 -8.97 -3.42
CA ALA B 192 -3.77 -8.24 -2.71
C ALA B 192 -5.12 -8.83 -3.12
N VAL B 193 -5.22 -9.29 -4.37
CA VAL B 193 -6.45 -9.98 -4.85
C VAL B 193 -6.67 -11.25 -4.01
N GLY B 194 -5.58 -11.99 -3.73
CA GLY B 194 -5.65 -13.22 -2.92
C GLY B 194 -6.01 -12.95 -1.47
N GLN B 195 -5.48 -11.86 -0.94
CA GLN B 195 -5.81 -11.39 0.38
C GLN B 195 -7.29 -11.08 0.49
N LEU B 196 -7.89 -10.48 -0.54
CA LEU B 196 -9.34 -10.26 -0.58
C LEU B 196 -10.07 -11.60 -0.50
N TYR B 197 -9.63 -12.58 -1.29
CA TYR B 197 -10.21 -13.93 -1.15
C TYR B 197 -10.14 -14.50 0.27
N ASP B 198 -9.01 -14.28 0.95
CA ASP B 198 -8.77 -14.82 2.29
C ASP B 198 -9.65 -14.16 3.34
N VAL B 199 -9.72 -12.84 3.24
CA VAL B 199 -10.32 -12.03 4.25
C VAL B 199 -11.86 -12.06 4.12
N THR B 200 -12.37 -12.48 2.97
CA THR B 200 -13.82 -12.58 2.75
C THR B 200 -14.29 -14.03 2.68
N SER B 201 -13.44 -14.97 3.06
CA SER B 201 -13.74 -16.41 2.86
C SER B 201 -14.67 -16.97 3.95
N MET B 202 -14.83 -16.23 5.05
CA MET B 202 -15.70 -16.68 6.15
C MET B 202 -17.08 -16.05 6.09
N PHE B 203 -17.34 -15.31 5.01
CA PHE B 203 -18.61 -14.64 4.80
C PHE B 203 -19.30 -15.19 3.57
N ASP B 204 -20.61 -15.44 3.68
CA ASP B 204 -21.43 -15.83 2.53
C ASP B 204 -21.28 -14.79 1.43
N SER B 205 -20.66 -15.18 0.30
CA SER B 205 -20.34 -14.22 -0.76
C SER B 205 -21.57 -13.65 -1.48
N ASN B 206 -22.68 -14.40 -1.49
CA ASN B 206 -23.93 -13.94 -2.11
C ASN B 206 -24.47 -12.71 -1.38
N LYS B 207 -24.16 -12.63 -0.09
CA LYS B 207 -24.59 -11.54 0.77
C LYS B 207 -23.53 -10.47 0.95
N LEU B 208 -22.48 -10.55 0.13
CA LEU B 208 -21.37 -9.59 0.16
C LEU B 208 -21.88 -8.25 -0.37
N ASP B 209 -21.83 -7.23 0.48
CA ASP B 209 -22.52 -5.96 0.22
C ASP B 209 -22.04 -4.89 1.20
N PRO B 210 -21.32 -3.86 0.70
CA PRO B 210 -20.81 -2.76 1.52
C PRO B 210 -21.84 -2.11 2.45
N ASP B 211 -23.09 -2.01 1.99
CA ASP B 211 -24.12 -1.25 2.71
C ASP B 211 -24.83 -2.03 3.81
N VAL B 212 -24.54 -3.33 3.92
CA VAL B 212 -25.28 -4.20 4.84
C VAL B 212 -24.36 -5.14 5.62
N SER B 213 -24.39 -5.05 6.95
CA SER B 213 -23.59 -5.92 7.82
C SER B 213 -24.03 -7.37 7.67
N GLN B 214 -23.10 -8.29 7.92
CA GLN B 214 -23.33 -9.73 7.78
C GLN B 214 -22.37 -10.51 8.69
N PRO B 215 -22.89 -11.50 9.43
CA PRO B 215 -22.05 -12.26 10.35
C PRO B 215 -21.21 -13.32 9.60
N THR B 216 -20.25 -13.92 10.31
CA THR B 216 -19.51 -15.07 9.82
C THR B 216 -20.49 -16.14 9.34
N THR B 217 -20.10 -16.88 8.32
CA THR B 217 -20.91 -17.96 7.77
C THR B 217 -21.32 -18.94 8.88
N THR B 218 -22.52 -19.47 8.76
CA THR B 218 -23.03 -20.45 9.71
C THR B 218 -23.15 -21.86 9.08
N ASP B 219 -23.40 -21.89 7.78
CA ASP B 219 -23.48 -23.16 7.03
C ASP B 219 -22.14 -23.62 6.45
N PHE B 220 -21.19 -22.70 6.33
CA PHE B 220 -19.84 -22.99 5.79
C PHE B 220 -19.87 -23.59 4.39
N ALA B 221 -20.87 -23.18 3.61
CA ALA B 221 -21.10 -23.76 2.29
C ALA B 221 -19.95 -23.54 1.31
N GLU B 222 -19.22 -22.43 1.50
CA GLU B 222 -18.12 -22.04 0.62
C GLU B 222 -16.73 -22.50 1.11
N PHE B 223 -16.68 -23.20 2.24
CA PHE B 223 -15.42 -23.77 2.71
C PHE B 223 -15.13 -25.05 1.91
N THR B 224 -14.88 -24.86 0.61
CA THR B 224 -14.64 -25.98 -0.31
C THR B 224 -13.18 -26.00 -0.70
N LEU B 225 -12.69 -27.15 -1.16
CA LEU B 225 -11.29 -27.24 -1.54
C LEU B 225 -11.03 -26.35 -2.75
N SER B 226 -12.02 -26.21 -3.62
CA SER B 226 -11.92 -25.37 -4.81
C SER B 226 -11.68 -23.88 -4.45
N ASN B 227 -12.47 -23.38 -3.51
CA ASN B 227 -12.31 -22.01 -3.05
C ASN B 227 -11.01 -21.88 -2.25
N TYR B 228 -10.63 -22.92 -1.50
CA TYR B 228 -9.32 -22.95 -0.84
C TYR B 228 -8.13 -22.75 -1.79
N LYS B 229 -8.09 -23.48 -2.90
CA LYS B 229 -6.95 -23.43 -3.82
C LYS B 229 -6.79 -22.07 -4.48
N ARG B 230 -7.93 -21.43 -4.76
CA ARG B 230 -7.94 -20.08 -5.30
C ARG B 230 -7.37 -19.03 -4.32
N ILE B 231 -7.78 -19.07 -3.05
CA ILE B 231 -7.24 -18.18 -2.02
C ILE B 231 -5.72 -18.30 -2.02
N VAL B 232 -5.24 -19.53 -1.97
CA VAL B 232 -3.82 -19.78 -1.69
C VAL B 232 -2.93 -19.55 -2.91
N LYS B 233 -3.41 -19.93 -4.09
CA LYS B 233 -2.75 -19.59 -5.35
C LYS B 233 -2.44 -18.08 -5.41
N TYR B 234 -3.45 -17.25 -5.14
CA TYR B 234 -3.29 -15.79 -5.32
C TYR B 234 -2.57 -15.07 -4.14
N LYS B 235 -2.90 -15.43 -2.90
CA LYS B 235 -2.32 -14.77 -1.74
C LYS B 235 -0.90 -15.23 -1.43
N THR B 236 -0.51 -16.42 -1.90
CA THR B 236 0.81 -16.95 -1.54
C THR B 236 1.68 -17.37 -2.72
N ALA B 237 1.12 -18.16 -3.64
CA ALA B 237 1.94 -18.84 -4.64
C ALA B 237 2.71 -17.87 -5.53
N TYR B 238 2.06 -16.78 -5.96
CA TYR B 238 2.69 -15.83 -6.89
C TYR B 238 3.92 -15.09 -6.32
N TYR B 239 3.78 -14.51 -5.14
CA TYR B 239 4.91 -13.72 -4.57
C TYR B 239 5.96 -14.58 -3.89
N THR B 240 5.54 -15.72 -3.38
CA THR B 240 6.42 -16.59 -2.62
C THR B 240 7.26 -17.52 -3.50
N TYR B 241 6.64 -18.05 -4.56
CA TYR B 241 7.35 -18.95 -5.49
C TYR B 241 7.61 -18.42 -6.92
N LEU B 242 6.58 -17.89 -7.58
CA LEU B 242 6.81 -17.41 -8.96
C LEU B 242 7.78 -16.24 -9.02
N LEU B 243 7.63 -15.27 -8.12
CA LEU B 243 8.38 -14.00 -8.24
C LEU B 243 9.89 -14.11 -7.99
N PRO B 244 10.31 -14.86 -6.94
CA PRO B 244 11.75 -15.04 -6.79
C PRO B 244 12.41 -15.70 -8.02
N LEU B 245 11.72 -16.65 -8.62
CA LEU B 245 12.20 -17.31 -9.84
C LEU B 245 12.32 -16.35 -11.03
N VAL B 246 11.20 -15.69 -11.34
CA VAL B 246 11.14 -14.68 -12.39
C VAL B 246 12.20 -13.60 -12.19
N MET B 247 12.35 -13.07 -10.97
CA MET B 247 13.36 -12.02 -10.76
C MET B 247 14.80 -12.52 -11.00
N GLY B 248 15.12 -13.70 -10.50
CA GLY B 248 16.41 -14.33 -10.76
C GLY B 248 16.67 -14.45 -12.26
N LEU B 249 15.65 -14.88 -13.01
CA LEU B 249 15.74 -14.99 -14.47
C LEU B 249 15.90 -13.63 -15.18
N ILE B 250 15.25 -12.60 -14.63
CA ILE B 250 15.35 -11.27 -15.26
C ILE B 250 16.74 -10.68 -15.10
N VAL B 251 17.26 -10.68 -13.87
CA VAL B 251 18.58 -10.09 -13.58
C VAL B 251 19.71 -10.85 -14.28
N SER B 252 19.47 -12.12 -14.58
CA SER B 252 20.48 -12.94 -15.24
C SER B 252 20.23 -12.97 -16.74
N GLU B 253 19.20 -12.22 -17.18
CA GLU B 253 18.81 -12.08 -18.57
C GLU B 253 18.57 -13.43 -19.29
N ALA B 254 17.84 -14.31 -18.63
CA ALA B 254 17.61 -15.65 -19.13
C ALA B 254 16.14 -16.04 -19.12
N LEU B 255 15.26 -15.06 -18.98
CA LEU B 255 13.83 -15.36 -18.82
C LEU B 255 13.22 -16.26 -19.91
N PRO B 256 13.56 -16.02 -21.19
CA PRO B 256 13.02 -16.93 -22.20
C PRO B 256 13.73 -18.30 -22.35
N THR B 257 14.83 -18.54 -21.64
CA THR B 257 15.52 -19.84 -21.71
C THR B 257 14.73 -20.98 -21.06
N VAL B 258 13.56 -20.64 -20.52
CA VAL B 258 12.85 -21.51 -19.62
C VAL B 258 11.44 -21.74 -20.10
N ASP B 259 10.97 -22.97 -19.97
CA ASP B 259 9.56 -23.29 -20.17
C ASP B 259 8.77 -22.64 -19.04
N MET B 260 8.05 -21.57 -19.38
CA MET B 260 7.32 -20.77 -18.40
C MET B 260 6.01 -21.43 -17.96
N GLY B 261 5.37 -22.15 -18.88
CA GLY B 261 4.21 -22.96 -18.53
C GLY B 261 4.52 -23.98 -17.44
N VAL B 262 5.66 -24.64 -17.59
CA VAL B 262 6.14 -25.62 -16.59
C VAL B 262 6.60 -24.94 -15.29
N THR B 263 7.30 -23.83 -15.44
CA THR B 263 7.74 -22.98 -14.32
C THR B 263 6.57 -22.46 -13.50
N GLU B 264 5.50 -22.03 -14.16
CA GLU B 264 4.31 -21.56 -13.45
C GLU B 264 3.58 -22.71 -12.77
N GLU B 265 3.47 -23.87 -13.45
CA GLU B 265 2.85 -25.06 -12.84
C GLU B 265 3.55 -25.37 -11.53
N LEU B 266 4.88 -25.40 -11.59
CA LEU B 266 5.73 -25.66 -10.43
C LEU B 266 5.50 -24.67 -9.30
N ALA B 267 5.55 -23.37 -9.60
CA ALA B 267 5.38 -22.33 -8.60
C ALA B 267 4.03 -22.45 -7.92
N MET B 268 2.98 -22.72 -8.72
CA MET B 268 1.61 -22.77 -8.21
C MET B 268 1.46 -23.95 -7.26
N LEU B 269 2.04 -25.08 -7.65
CA LEU B 269 1.99 -26.30 -6.85
C LEU B 269 2.79 -26.19 -5.55
N MET B 270 4.05 -25.79 -5.66
CA MET B 270 4.90 -25.51 -4.50
C MET B 270 4.33 -24.43 -3.58
N GLY B 271 3.69 -23.43 -4.18
CA GLY B 271 3.07 -22.35 -3.41
C GLY B 271 1.83 -22.81 -2.67
N GLU B 272 1.01 -23.64 -3.31
CA GLU B 272 -0.13 -24.20 -2.63
C GLU B 272 0.33 -25.06 -1.44
N TYR B 273 1.26 -25.97 -1.70
CA TYR B 273 1.82 -26.84 -0.66
C TYR B 273 2.41 -26.07 0.55
N PHE B 274 3.26 -25.07 0.28
CA PHE B 274 3.76 -24.12 1.31
C PHE B 274 2.66 -23.56 2.21
N GLN B 275 1.52 -23.15 1.62
CA GLN B 275 0.45 -22.59 2.43
C GLN B 275 -0.31 -23.67 3.19
N VAL B 276 -0.56 -24.80 2.54
CA VAL B 276 -1.11 -25.94 3.27
C VAL B 276 -0.27 -26.22 4.52
N GLN B 277 1.05 -26.32 4.36
CA GLN B 277 1.98 -26.44 5.50
C GLN B 277 1.78 -25.32 6.53
N ASP B 278 1.68 -24.08 6.05
CA ASP B 278 1.46 -22.93 6.96
C ASP B 278 0.19 -23.15 7.79
N ASP B 279 -0.91 -23.51 7.12
CA ASP B 279 -2.17 -23.82 7.78
C ASP B 279 -2.06 -24.98 8.79
N VAL B 280 -1.42 -26.07 8.40
CA VAL B 280 -1.32 -27.23 9.29
C VAL B 280 -0.50 -26.84 10.53
N MET B 281 0.62 -26.16 10.31
CA MET B 281 1.47 -25.69 11.40
C MET B 281 0.74 -24.75 12.37
N ASP B 282 -0.19 -23.94 11.83
CA ASP B 282 -0.97 -23.01 12.63
C ASP B 282 -1.70 -23.75 13.74
N CYS B 283 -2.21 -24.94 13.40
CA CYS B 283 -3.03 -25.71 14.32
C CYS B 283 -2.21 -26.63 15.22
N PHE B 284 -1.14 -27.20 14.67
CA PHE B 284 -0.48 -28.30 15.35
C PHE B 284 0.96 -28.06 15.86
N THR B 285 1.66 -27.09 15.25
CA THR B 285 3.03 -26.77 15.65
C THR B 285 3.04 -25.91 16.92
N PRO B 286 3.80 -26.33 17.95
CA PRO B 286 3.93 -25.57 19.20
C PRO B 286 4.40 -24.15 18.90
N PRO B 287 3.78 -23.15 19.55
CA PRO B 287 4.06 -21.74 19.29
C PRO B 287 5.55 -21.40 19.26
N GLU B 288 6.33 -22.04 20.13
CA GLU B 288 7.74 -21.74 20.31
C GLU B 288 8.56 -22.00 19.06
N ARG B 289 8.25 -23.09 18.36
CA ARG B 289 8.86 -23.41 17.08
C ARG B 289 8.26 -22.51 16.00
N LEU B 290 6.95 -22.25 16.13
CA LEU B 290 6.19 -21.46 15.16
C LEU B 290 6.53 -19.97 15.18
N GLY B 291 6.80 -19.43 16.37
CA GLY B 291 7.16 -18.02 16.53
C GLY B 291 5.94 -17.12 16.64
N LYS B 292 4.83 -17.54 16.04
CA LYS B 292 3.61 -16.76 16.01
C LYS B 292 2.48 -17.62 16.52
N VAL B 293 1.55 -17.05 17.27
CA VAL B 293 0.38 -17.82 17.72
C VAL B 293 -0.62 -17.94 16.57
N GLY B 294 -1.22 -19.13 16.45
CA GLY B 294 -2.18 -19.45 15.40
C GLY B 294 -3.53 -18.80 15.63
N THR B 295 -4.03 -18.14 14.59
CA THR B 295 -5.28 -17.37 14.65
C THR B 295 -6.36 -17.88 13.69
N ASP B 296 -6.07 -19.00 13.02
CA ASP B 296 -6.91 -19.48 11.93
C ASP B 296 -8.29 -19.92 12.39
N ILE B 297 -8.32 -20.72 13.46
CA ILE B 297 -9.59 -21.21 13.99
C ILE B 297 -10.43 -20.03 14.50
N GLN B 298 -9.83 -19.18 15.33
CA GLN B 298 -10.53 -18.02 15.88
C GLN B 298 -10.97 -17.05 14.79
N ASP B 299 -10.13 -16.83 13.78
CA ASP B 299 -10.49 -15.93 12.67
C ASP B 299 -11.47 -16.60 11.71
N ALA B 300 -11.94 -17.80 12.07
CA ALA B 300 -12.81 -18.63 11.22
C ALA B 300 -12.29 -18.75 9.79
N LYS B 301 -10.97 -18.86 9.66
CA LYS B 301 -10.32 -18.89 8.37
C LYS B 301 -10.71 -20.11 7.57
N CYS B 302 -10.73 -19.94 6.24
CA CYS B 302 -10.87 -21.04 5.29
C CYS B 302 -9.51 -21.71 5.07
N SER B 303 -9.08 -22.47 6.08
CA SER B 303 -7.80 -23.17 6.04
C SER B 303 -7.89 -24.52 5.32
N TRP B 304 -6.73 -25.09 4.98
CA TRP B 304 -6.68 -26.45 4.40
C TRP B 304 -7.34 -27.47 5.35
N LEU B 305 -7.10 -27.29 6.66
CA LEU B 305 -7.66 -28.21 7.65
C LEU B 305 -9.18 -28.19 7.67
N ALA B 306 -9.76 -26.99 7.70
CA ALA B 306 -11.23 -26.84 7.71
C ALA B 306 -11.89 -27.38 6.45
N VAL B 307 -11.36 -27.03 5.27
CA VAL B 307 -11.98 -27.54 4.04
C VAL B 307 -11.84 -29.05 3.88
N THR B 308 -10.70 -29.60 4.29
CA THR B 308 -10.42 -31.05 4.19
C THR B 308 -11.26 -31.85 5.19
N PHE B 309 -11.54 -31.24 6.34
CA PHE B 309 -12.38 -31.82 7.36
C PHE B 309 -13.83 -31.86 6.91
N LEU B 310 -14.31 -30.72 6.42
CA LEU B 310 -15.72 -30.60 6.06
C LEU B 310 -16.11 -31.52 4.89
N ALA B 311 -15.17 -31.75 3.96
CA ALA B 311 -15.45 -32.55 2.77
C ALA B 311 -15.72 -34.01 3.11
N LYS B 312 -15.02 -34.54 4.11
CA LYS B 312 -15.09 -35.96 4.50
C LYS B 312 -15.88 -36.24 5.77
N ALA B 313 -16.24 -35.20 6.52
CA ALA B 313 -16.89 -35.36 7.83
C ALA B 313 -18.32 -35.84 7.75
N SER B 314 -18.73 -36.58 8.78
CA SER B 314 -20.13 -36.95 8.97
C SER B 314 -20.95 -35.73 9.38
N SER B 315 -22.26 -35.86 9.29
CA SER B 315 -23.19 -34.84 9.77
C SER B 315 -22.93 -34.47 11.22
N ALA B 316 -22.68 -35.49 12.05
CA ALA B 316 -22.39 -35.28 13.47
C ALA B 316 -21.15 -34.41 13.61
N GLN B 317 -20.07 -34.80 12.93
CA GLN B 317 -18.81 -34.04 12.93
C GLN B 317 -18.98 -32.61 12.43
N VAL B 318 -19.78 -32.42 11.38
CA VAL B 318 -20.09 -31.09 10.86
C VAL B 318 -20.78 -30.22 11.90
N ALA B 319 -21.77 -30.79 12.59
CA ALA B 319 -22.49 -30.09 13.65
C ALA B 319 -21.53 -29.57 14.72
N GLU B 320 -20.71 -30.47 15.27
CA GLU B 320 -19.79 -30.15 16.36
C GLU B 320 -18.75 -29.09 15.93
N PHE B 321 -18.27 -29.20 14.68
CA PHE B 321 -17.42 -28.19 14.07
C PHE B 321 -18.10 -26.82 14.08
N LYS B 322 -19.33 -26.79 13.55
CA LYS B 322 -20.11 -25.55 13.42
C LYS B 322 -20.41 -24.92 14.78
N ALA B 323 -20.52 -25.77 15.80
CA ALA B 323 -20.74 -25.34 17.17
C ALA B 323 -19.49 -24.69 17.79
N ASN B 324 -18.32 -24.97 17.21
CA ASN B 324 -17.05 -24.59 17.83
C ASN B 324 -16.09 -23.70 17.03
N TYR B 325 -16.27 -23.61 15.71
CA TYR B 325 -15.33 -22.83 14.89
C TYR B 325 -15.57 -21.32 15.00
N GLY B 326 -14.50 -20.54 14.87
CA GLY B 326 -14.62 -19.09 14.74
C GLY B 326 -14.89 -18.36 16.03
N SER B 327 -14.51 -18.98 17.15
CA SER B 327 -14.60 -18.37 18.46
C SER B 327 -13.25 -18.40 19.18
N GLY B 328 -12.94 -17.29 19.87
CA GLY B 328 -11.74 -17.19 20.69
C GLY B 328 -11.69 -18.10 21.91
N ASP B 329 -12.84 -18.66 22.28
CA ASP B 329 -12.97 -19.59 23.39
C ASP B 329 -11.96 -20.74 23.30
N SER B 330 -11.29 -21.03 24.41
CA SER B 330 -10.17 -21.97 24.44
C SER B 330 -10.51 -23.45 24.32
N GLU B 331 -11.63 -23.88 24.91
CA GLU B 331 -12.06 -25.28 24.79
C GLU B 331 -12.76 -25.55 23.45
N LYS B 332 -13.48 -24.55 22.95
CA LYS B 332 -14.03 -24.63 21.59
C LYS B 332 -12.91 -24.83 20.56
N VAL B 333 -11.79 -24.10 20.70
CA VAL B 333 -10.64 -24.27 19.78
C VAL B 333 -9.99 -25.63 19.96
N ALA B 334 -10.03 -26.16 21.19
CA ALA B 334 -9.48 -27.49 21.49
C ALA B 334 -10.39 -28.61 20.97
N THR B 335 -11.67 -28.30 20.77
CA THR B 335 -12.62 -29.27 20.18
C THR B 335 -12.32 -29.41 18.69
N VAL B 336 -12.18 -28.28 18.02
CA VAL B 336 -11.79 -28.23 16.61
C VAL B 336 -10.51 -29.04 16.36
N ARG B 337 -9.53 -28.92 17.28
CA ARG B 337 -8.28 -29.67 17.18
C ARG B 337 -8.46 -31.17 17.33
N ARG B 338 -9.33 -31.57 18.26
CA ARG B 338 -9.64 -32.98 18.45
C ARG B 338 -10.36 -33.52 17.21
N LEU B 339 -11.40 -32.80 16.77
CA LEU B 339 -12.14 -33.15 15.56
C LEU B 339 -11.20 -33.38 14.37
N TYR B 340 -10.19 -32.52 14.22
CA TYR B 340 -9.19 -32.68 13.15
C TYR B 340 -8.40 -33.96 13.32
N GLU B 341 -8.01 -34.27 14.56
CA GLU B 341 -7.22 -35.48 14.83
C GLU B 341 -8.05 -36.74 14.61
N GLU B 342 -9.29 -36.70 15.09
CA GLU B 342 -10.23 -37.82 14.97
C GLU B 342 -10.58 -38.14 13.51
N ALA B 343 -10.60 -37.11 12.67
CA ALA B 343 -10.89 -37.28 11.24
C ALA B 343 -9.67 -37.66 10.42
N ASP B 344 -8.54 -37.84 11.09
CA ASP B 344 -7.28 -38.23 10.46
C ASP B 344 -6.80 -37.24 9.37
N LEU B 345 -6.71 -35.96 9.74
CA LEU B 345 -6.25 -34.94 8.81
C LEU B 345 -4.73 -34.98 8.60
N GLN B 346 -3.99 -35.36 9.64
CA GLN B 346 -2.55 -35.62 9.50
C GLN B 346 -2.27 -36.73 8.50
N GLY B 347 -3.19 -37.67 8.39
CA GLY B 347 -3.08 -38.75 7.39
C GLY B 347 -3.32 -38.22 6.00
N ASP B 348 -4.35 -37.38 5.87
CA ASP B 348 -4.66 -36.72 4.61
C ASP B 348 -3.51 -35.84 4.15
N TYR B 349 -2.85 -35.19 5.10
CA TYR B 349 -1.76 -34.28 4.80
C TYR B 349 -0.59 -35.05 4.20
N VAL B 350 -0.23 -36.17 4.83
CA VAL B 350 0.82 -37.05 4.37
C VAL B 350 0.58 -37.48 2.93
N ALA B 351 -0.63 -37.94 2.65
CA ALA B 351 -1.04 -38.31 1.30
C ALA B 351 -0.96 -37.13 0.34
N TYR B 352 -1.38 -35.95 0.81
CA TYR B 352 -1.29 -34.74 0.02
C TYR B 352 0.15 -34.45 -0.39
N GLU B 353 1.03 -34.40 0.62
CA GLU B 353 2.43 -34.12 0.46
C GLU B 353 3.09 -35.04 -0.56
N ALA B 354 2.67 -36.31 -0.55
CA ALA B 354 3.22 -37.31 -1.45
C ALA B 354 2.76 -37.10 -2.87
N ALA B 355 1.49 -36.71 -3.06
CA ALA B 355 1.01 -36.40 -4.40
C ALA B 355 1.76 -35.18 -4.96
N VAL B 356 1.93 -34.16 -4.12
CA VAL B 356 2.65 -32.94 -4.52
C VAL B 356 4.08 -33.26 -4.95
N ALA B 357 4.81 -34.00 -4.10
CA ALA B 357 6.23 -34.25 -4.32
C ALA B 357 6.45 -35.01 -5.62
N GLU B 358 5.54 -35.95 -5.92
CA GLU B 358 5.58 -36.66 -7.18
C GLU B 358 5.38 -35.71 -8.37
N GLN B 359 4.41 -34.79 -8.27
CA GLN B 359 4.14 -33.81 -9.32
C GLN B 359 5.34 -32.90 -9.51
N VAL B 360 5.85 -32.37 -8.39
CA VAL B 360 7.06 -31.54 -8.38
C VAL B 360 8.23 -32.23 -9.06
N LYS B 361 8.49 -33.49 -8.71
CA LYS B 361 9.63 -34.23 -9.28
C LYS B 361 9.50 -34.34 -10.80
N GLU B 362 8.31 -34.68 -11.27
CA GLU B 362 8.01 -34.82 -12.69
C GLU B 362 8.20 -33.52 -13.46
N LEU B 363 7.71 -32.42 -12.91
CA LEU B 363 7.88 -31.10 -13.53
C LEU B 363 9.33 -30.62 -13.53
N ILE B 364 10.06 -30.92 -12.45
CA ILE B 364 11.48 -30.56 -12.38
C ILE B 364 12.32 -31.24 -13.48
N GLU B 365 12.05 -32.52 -13.74
CA GLU B 365 12.70 -33.23 -14.83
C GLU B 365 12.36 -32.65 -16.21
N LYS B 366 11.09 -32.27 -16.41
CA LYS B 366 10.67 -31.56 -17.64
C LYS B 366 11.46 -30.27 -17.82
N LEU B 367 11.70 -29.54 -16.73
CA LEU B 367 12.53 -28.35 -16.76
C LEU B 367 13.98 -28.66 -17.09
N ARG B 368 14.46 -29.78 -16.56
CA ARG B 368 15.87 -30.16 -16.63
C ARG B 368 16.33 -30.41 -18.07
N LEU B 369 15.37 -30.80 -18.92
CA LEU B 369 15.66 -31.16 -20.31
C LEU B 369 16.37 -30.07 -21.10
N CYS B 370 15.82 -28.85 -21.04
CA CYS B 370 16.43 -27.71 -21.73
C CYS B 370 16.92 -26.61 -20.79
N SER B 371 16.65 -26.75 -19.50
CA SER B 371 17.15 -25.79 -18.51
C SER B 371 17.78 -26.46 -17.28
N PRO B 372 18.91 -27.17 -17.46
CA PRO B 372 19.52 -27.90 -16.33
C PRO B 372 19.88 -27.02 -15.12
N GLY B 373 20.43 -25.83 -15.37
CA GLY B 373 20.86 -24.93 -14.30
C GLY B 373 19.68 -24.42 -13.47
N PHE B 374 18.62 -24.03 -14.16
CA PHE B 374 17.42 -23.52 -13.52
C PHE B 374 16.70 -24.62 -12.72
N ALA B 375 16.57 -25.81 -13.32
CA ALA B 375 15.93 -26.93 -12.65
C ALA B 375 16.61 -27.25 -11.33
N ALA B 376 17.94 -27.09 -11.30
CA ALA B 376 18.70 -27.28 -10.09
C ALA B 376 18.35 -26.22 -9.05
N SER B 377 18.20 -24.96 -9.46
CA SER B 377 17.81 -23.93 -8.48
C SER B 377 16.40 -24.19 -7.97
N VAL B 378 15.51 -24.65 -8.84
CA VAL B 378 14.14 -25.02 -8.43
C VAL B 378 14.15 -26.22 -7.46
N GLU B 379 15.00 -27.23 -7.73
CA GLU B 379 15.25 -28.34 -6.77
C GLU B 379 15.64 -27.83 -5.39
N THR B 380 16.55 -26.88 -5.38
CA THR B 380 17.06 -26.26 -4.16
C THR B 380 15.95 -25.54 -3.40
N LEU B 381 15.09 -24.81 -4.13
CA LEU B 381 13.90 -24.17 -3.56
C LEU B 381 12.96 -25.22 -2.94
N TRP B 382 12.76 -26.32 -3.66
CA TRP B 382 11.94 -27.41 -3.18
C TRP B 382 12.54 -27.98 -1.88
N GLY B 383 13.86 -28.05 -1.83
CA GLY B 383 14.56 -28.55 -0.63
C GLY B 383 14.21 -27.76 0.62
N LYS B 384 14.03 -26.45 0.44
CA LYS B 384 13.67 -25.54 1.53
C LYS B 384 12.18 -25.55 1.86
N THR B 385 11.40 -26.27 1.07
CA THR B 385 9.96 -26.29 1.22
C THR B 385 9.45 -27.64 1.72
N TYR B 386 9.89 -28.70 1.05
CA TYR B 386 9.46 -30.06 1.33
C TYR B 386 9.78 -30.50 2.76
N LYS B 387 8.74 -30.86 3.51
CA LYS B 387 8.85 -31.27 4.92
C LYS B 387 9.58 -30.25 5.80
N ARG B 388 9.34 -28.96 5.55
CA ARG B 388 9.86 -27.88 6.41
C ARG B 388 9.35 -28.08 7.83
N GLN B 389 10.27 -28.04 8.79
CA GLN B 389 9.91 -28.05 10.21
C GLN B 389 9.73 -26.59 10.61
N LYS B 390 10.27 -25.71 9.76
CA LYS B 390 10.09 -24.25 9.80
C LYS B 390 10.24 -23.60 11.18
MG MG C . -7.90 12.60 7.39
MG MG D . -8.11 17.62 7.07
MG MG E . -4.81 12.42 7.97
O6 721 F . -6.18 13.69 6.95
P2 721 F . -6.01 15.05 6.33
O5 721 F . -4.55 15.31 5.98
O4 721 F . -6.53 16.19 7.17
C1 721 F . -7.06 15.03 4.82
P1 721 F . -8.84 14.87 5.20
O3 721 F . -9.02 13.64 6.08
O2 721 F . -9.54 14.77 3.86
O1 721 F . -9.23 16.17 5.92
C2 721 F . -6.76 13.83 3.89
N1 721 F . -5.35 13.65 3.48
C3 721 F . -4.58 14.65 2.99
C4 721 F . -3.26 14.39 2.60
C5 721 F . -2.75 13.07 2.71
C7 721 F . -4.88 12.40 3.55
C6 721 F . -3.58 12.05 3.20
O7 721 F . -3.16 10.74 3.35
C8 721 F . -1.87 10.35 2.80
C9 721 F . -1.59 8.87 3.05
C10 721 F . -0.23 8.49 2.46
C11 721 F . 0.02 7.00 2.52
MG MG G . -1.66 -13.80 9.10
MG MG H . -1.05 -18.60 8.46
MG MG I . -3.76 -13.51 6.52
O6 721 J . -2.26 -14.83 7.18
P2 721 J . -1.58 -16.00 6.53
O5 721 J . -1.83 -16.14 5.04
O4 721 J . -1.87 -17.30 7.26
C1 721 J . 0.23 -15.78 6.72
P1 721 J . 0.75 -15.82 8.46
O3 721 J . 0.03 -14.66 9.10
O2 721 J . 2.24 -15.66 8.50
O1 721 J . 0.31 -17.16 9.00
C2 721 J . 0.75 -14.45 6.13
N1 721 J . 0.41 -14.13 4.73
C3 721 J . 0.51 -15.06 3.74
C4 721 J . 0.20 -14.75 2.42
C5 721 J . -0.18 -13.43 2.10
C7 721 J . 0.07 -12.86 4.43
C6 721 J . -0.24 -12.47 3.12
O7 721 J . -0.62 -11.17 2.90
C8 721 J . -0.83 -10.65 1.58
C9 721 J . -1.14 -9.16 1.70
C10 721 J . -1.47 -8.55 0.33
C11 721 J . -1.82 -7.07 0.41
#